data_6UZ3
#
_entry.id   6UZ3
#
_cell.length_a   1.00
_cell.length_b   1.00
_cell.length_c   1.00
_cell.angle_alpha   90.00
_cell.angle_beta   90.00
_cell.angle_gamma   90.00
#
_symmetry.space_group_name_H-M   'P 1'
#
loop_
_entity.id
_entity.type
_entity.pdbx_description
1 polymer 'Sodium channel protein type 5 subunit alpha,Green fluorescent protein'
2 branched 2-acetamido-2-deoxy-beta-D-glucopyranose-(1-4)-2-acetamido-2-deoxy-beta-D-glucopyranose
3 branched beta-D-mannopyranose-(1-4)-2-acetamido-2-deoxy-beta-D-glucopyranose-(1-4)-2-acetamido-2-deoxy-beta-D-glucopyranose
4 non-polymer 2-acetamido-2-deoxy-beta-D-glucopyranose
5 non-polymer (3beta,14beta,17beta,25R)-3-[4-methoxy-3-(methoxymethyl)butoxy]spirost-5-en
6 non-polymer '[(2~{R})-1-[2-azanylethoxy(oxidanyl)phosphoryl]oxy-3-hexadecanoyloxy-propan-2-yl] (~{Z})-octadec-9-enoate'
#
_entity_poly.entity_id   1
_entity_poly.type   'polypeptide(L)'
_entity_poly.pdbx_seq_one_letter_code
;MANLLLPRGTSSFRRFTRESLAAIEKRMAEKQARGGSATSQESREGLQEEEAPRPQLDLQASKKLPDLYGNPPRELIGEP
LEDLDPFYSTQKTFIVLNKGKTIFRFSATNALYVLSPFHPVRRAAVKILVHSLFSMLIMCTILTNCVFMAQHDPPPWTKY
VEYTFTAIYTFESLVKILARGFCLHAFTFLRDPWNWLDFSVIVMAYTTEFVDLGNVSALRTFRVLRALKTISVISGLKTI
VGALIQSVKKLADVMVLTVFCLSVFALIGLQLFMGNLRHKCVRNFTELNGTNGSVEADGLVWNSLDVYLNDPANYLLKNG
TTDVLLCGNSSDAGTCPEGYRCLKAGENPDHGYTSFDSFAWAFLALFRLMTQDCWERLYQQTLRSAGKIYMIFFMLVIFL
GSFYLVNLILAVVAMAYEEQNQATIAETEEKEKRFQEAMEMLKKEHEALTIRGVDTVSRSSARQRALSAVSVLTSALEEL
EESHRKCPPCWNRFAQHYLIWECCPLWMSIKQKVKFVVMDPFADLTITMCIVLNTLFMALEHYNMTAEFEEMLQVGNLVF
TGIFTAEMTFKIIALDPYYYFQQGWNIFDSIIVILSLMELGLSRMGNLSVLRSFRLLRVFKLAKSWPTLNTLIKIIGNSV
GALGNLTLVLAIIVFIFAVVGMQLFGKNYSELRHRISDSGLLPRWHMMDFFHAFLIIFRILCGEWIETMWDCMEVSGQSL
CLLVFLLVMVIGNLVVLNLFLALLLSSFSADNLTAPDEDGEMNNLQLALARIQRGLRFVKRTTWDFCCGILRRRPKKPAA
LATHSQLPSCITAPRSPPPPEVEKVPPARKETRFEEDKRPGQGTPGDSEPVCVPIAVAESDTEDQEEDEENGKVWWRLRK
TCYRIVEHSWFETFIIFMILLSSGALAFEDIYLEERKTIKVLLEYADKMFTYVFVLEMLLKWVAYGFKKYFTNAWCWLDF
LIVDVSLVSLVANTLGFAEMGPIKSLRTLRALRPLRALSRFEGMRVVVNALVGAIPSIMNVLLVCLIFWLIFSIMGVNLF
AGKFGRCINQTEGDLPLNYTIVNNKSECESFNVTGELYWTKVKVNFDNVGAGYLALLQVATFKGWMDIMYAAVDSRGYEE
QPQWEDNLYMYIYFVVFIIFGSFFTLNLFIGVIIDNFNQQKKKLGGQDIFMTEEQKKYYNAMKKLGSKKPQKPIPRPLNK
YQGFIFDIVTKQAFDVTIMFLICLNMVTMMVETDDQSPEKVNILAKINLLFVAIFTGECIVKMAALRHYYFTNSWNIFDF
VVVILSIVGTVLSDIIQKYFFSPTLFRVIRLARIGRILRLIRGAKGIRTLLFALMMSLPALFNIGLLLFLVMFIYSIFGM
ANFAYVKWEAGIDDMFNFQTFANSMLCLFQITTSAGWDGLLSPILNTGPPYCDPNLPNSNGSRGNCGSPAVGILFFTTYI
IISFLIVVNMYIAIILENFSVATEESTEPLSEDDFDMFYEIWEKFDPEATQFIEYLALSDFADALSEPLRIAKPNQISLI
NMDLPMVSGDRIHCMDILFAFTKRVLGESGEMDALKIQMEEKFMAANPSKISYEPITTTLEVLFQGPGSMVSKGEELFTG
VVPILVELDGDVNGHKFSVSGEGEGDATYGKLTLKFICTTGKLPVPWPTLVTTLTYGVQCFSRYPDHMKQHDFFKSAMPE
GYVQERTIFFKDDGNYKTRAEVKFEGDTLVNRIELKGIDFKEDGNILGHKLEYNYNSHNVYIMADKQKNGIKVNFKIRHN
IEDGSVQLADHYQQNTPIGDGPVLLPDNHYLSTQSALSKDPNEKRDHMVLLEFVTAAGITLGMDELYKGSDYKDDDDK
;
_entity_poly.pdbx_strand_id   A
#
# COMPACT_ATOMS: atom_id res chain seq x y z
N VAL A 121 55.07 5.09 -25.40
CA VAL A 121 53.73 5.67 -25.35
C VAL A 121 52.73 4.62 -24.85
N ARG A 122 52.76 3.43 -25.45
CA ARG A 122 51.97 2.31 -24.95
C ARG A 122 52.32 2.04 -23.48
N ARG A 123 53.62 2.01 -23.18
CA ARG A 123 54.07 1.99 -21.80
C ARG A 123 53.52 3.20 -21.03
N ALA A 124 53.66 4.39 -21.62
CA ALA A 124 53.07 5.58 -21.01
C ALA A 124 51.56 5.47 -20.93
N ALA A 125 50.95 4.83 -21.92
CA ALA A 125 49.50 4.62 -21.88
C ALA A 125 49.10 3.90 -20.60
N VAL A 126 49.73 2.76 -20.32
CA VAL A 126 49.37 2.02 -19.11
C VAL A 126 49.71 2.84 -17.87
N LYS A 127 50.93 3.38 -17.81
CA LYS A 127 51.36 4.05 -16.58
C LYS A 127 50.61 5.35 -16.34
N ILE A 128 49.78 5.78 -17.29
CA ILE A 128 48.75 6.77 -16.97
C ILE A 128 47.41 6.11 -16.70
N LEU A 129 47.16 4.92 -17.27
CA LEU A 129 45.88 4.25 -17.05
C LEU A 129 45.68 3.91 -15.60
N VAL A 130 46.61 3.13 -15.03
CA VAL A 130 46.43 2.70 -13.64
C VAL A 130 46.51 3.89 -12.69
N HIS A 131 47.05 5.02 -13.15
CA HIS A 131 47.11 6.23 -12.35
C HIS A 131 45.73 6.62 -11.86
N SER A 132 45.60 6.87 -10.55
CA SER A 132 44.28 7.06 -9.95
C SER A 132 43.64 8.36 -10.38
N LEU A 133 44.42 9.45 -10.45
CA LEU A 133 43.85 10.77 -10.74
C LEU A 133 43.11 10.78 -12.06
N PHE A 134 43.54 9.95 -13.00
CA PHE A 134 42.86 9.89 -14.28
C PHE A 134 41.40 9.39 -14.14
N SER A 135 41.17 8.39 -13.30
CA SER A 135 39.80 7.88 -13.13
C SER A 135 38.94 8.87 -12.33
N MET A 136 39.53 9.56 -11.35
CA MET A 136 38.74 10.52 -10.59
C MET A 136 38.35 11.72 -11.45
N LEU A 137 39.26 12.16 -12.31
CA LEU A 137 38.89 13.19 -13.28
C LEU A 137 37.78 12.69 -14.19
N ILE A 138 37.84 11.42 -14.58
CA ILE A 138 36.76 10.83 -15.38
C ILE A 138 35.44 10.96 -14.64
N MET A 139 35.41 10.59 -13.36
CA MET A 139 34.15 10.57 -12.61
C MET A 139 33.58 11.98 -12.50
N CYS A 140 34.43 12.95 -12.14
CA CYS A 140 33.95 14.33 -12.05
C CYS A 140 33.47 14.83 -13.41
N THR A 141 34.14 14.41 -14.48
CA THR A 141 33.70 14.75 -15.83
C THR A 141 32.31 14.21 -16.10
N ILE A 142 32.07 12.97 -15.73
CA ILE A 142 30.76 12.36 -15.93
C ILE A 142 29.70 13.17 -15.20
N LEU A 143 29.97 13.52 -13.95
CA LEU A 143 28.98 14.24 -13.15
C LEU A 143 28.68 15.60 -13.75
N THR A 144 29.72 16.30 -14.24
CA THR A 144 29.48 17.58 -14.89
C THR A 144 28.69 17.43 -16.18
N ASN A 145 28.97 16.39 -16.96
CA ASN A 145 28.14 16.10 -18.11
C ASN A 145 26.70 15.86 -17.67
N CYS A 146 26.52 15.18 -16.53
CA CYS A 146 25.18 14.93 -16.02
C CYS A 146 24.44 16.23 -15.77
N VAL A 147 25.05 17.11 -14.98
CA VAL A 147 24.40 18.38 -14.66
C VAL A 147 24.14 19.18 -15.92
N PHE A 148 24.98 19.02 -16.93
CA PHE A 148 24.74 19.77 -18.16
C PHE A 148 23.74 19.09 -19.06
N MET A 149 23.41 17.83 -18.75
CA MET A 149 22.29 17.19 -19.41
C MET A 149 20.98 17.61 -18.76
N ALA A 150 20.95 17.65 -17.43
CA ALA A 150 19.69 17.82 -16.70
C ALA A 150 18.92 19.04 -17.16
N GLN A 151 19.62 20.05 -17.67
CA GLN A 151 18.98 21.28 -18.11
C GLN A 151 17.90 20.99 -19.14
N HIS A 152 16.85 21.82 -19.12
CA HIS A 152 15.89 21.90 -20.21
C HIS A 152 15.99 23.28 -20.83
N ASP A 153 15.64 23.36 -22.12
CA ASP A 153 15.90 24.55 -22.91
C ASP A 153 17.37 24.93 -22.74
N PRO A 154 18.28 24.16 -23.32
CA PRO A 154 19.71 24.47 -23.15
C PRO A 154 20.08 25.69 -23.97
N PRO A 155 20.70 26.70 -23.35
CA PRO A 155 21.14 27.85 -24.12
C PRO A 155 22.17 27.44 -25.17
N PRO A 156 22.22 28.14 -26.30
CA PRO A 156 23.10 27.69 -27.38
C PRO A 156 24.57 27.78 -27.03
N TRP A 157 24.94 28.72 -26.15
CA TRP A 157 26.29 28.78 -25.62
C TRP A 157 26.75 27.41 -25.15
N THR A 158 26.05 26.88 -24.13
CA THR A 158 26.35 25.57 -23.60
C THR A 158 26.57 24.54 -24.70
N LYS A 159 26.05 24.80 -25.88
CA LYS A 159 26.16 23.80 -26.94
C LYS A 159 27.59 23.46 -27.30
N TYR A 160 28.44 24.47 -27.38
CA TYR A 160 29.83 24.20 -27.72
C TYR A 160 30.47 23.32 -26.66
N VAL A 161 30.05 23.51 -25.43
CA VAL A 161 30.63 22.81 -24.29
C VAL A 161 30.62 21.30 -24.51
N GLU A 162 29.52 20.77 -25.03
CA GLU A 162 29.41 19.31 -25.10
C GLU A 162 30.50 18.72 -26.00
N TYR A 163 30.88 19.44 -27.05
CA TYR A 163 32.03 19.04 -27.87
C TYR A 163 33.20 18.65 -26.97
N THR A 164 33.60 19.58 -26.10
CA THR A 164 34.69 19.34 -25.16
C THR A 164 34.54 18.00 -24.49
N PHE A 165 33.35 17.73 -23.93
CA PHE A 165 33.16 16.49 -23.19
C PHE A 165 33.50 15.29 -24.06
N THR A 166 32.96 15.26 -25.28
CA THR A 166 33.29 14.18 -26.20
C THR A 166 34.79 13.98 -26.26
N ALA A 167 35.52 15.07 -26.54
CA ALA A 167 36.97 15.05 -26.53
C ALA A 167 37.48 14.28 -25.33
N ILE A 168 37.11 14.74 -24.13
CA ILE A 168 37.54 14.09 -22.90
C ILE A 168 37.31 12.60 -22.98
N TYR A 169 36.05 12.20 -23.20
CA TYR A 169 35.75 10.79 -23.30
C TYR A 169 36.61 10.14 -24.36
N THR A 170 36.58 10.69 -25.57
CA THR A 170 37.34 10.11 -26.67
C THR A 170 38.81 10.01 -26.33
N PHE A 171 39.34 10.97 -25.56
CA PHE A 171 40.76 10.96 -25.27
C PHE A 171 41.12 9.72 -24.48
N GLU A 172 40.29 9.38 -23.48
CA GLU A 172 40.52 8.14 -22.76
C GLU A 172 40.32 7.01 -23.76
N SER A 173 39.26 7.09 -24.57
CA SER A 173 39.09 6.13 -25.65
C SER A 173 40.45 5.83 -26.26
N LEU A 174 41.28 6.85 -26.36
CA LEU A 174 42.70 6.63 -26.67
C LEU A 174 43.32 5.76 -25.58
N VAL A 175 43.41 6.31 -24.37
CA VAL A 175 44.23 5.71 -23.32
C VAL A 175 43.86 4.25 -23.11
N LYS A 176 42.58 3.97 -22.87
CA LYS A 176 42.13 2.60 -22.73
C LYS A 176 42.68 1.73 -23.84
N ILE A 177 42.32 2.04 -25.08
CA ILE A 177 42.80 1.23 -26.19
C ILE A 177 44.30 1.30 -26.29
N LEU A 178 44.87 2.46 -26.00
CA LEU A 178 46.32 2.59 -26.14
C LEU A 178 47.04 1.87 -25.00
N ALA A 179 46.36 1.64 -23.88
CA ALA A 179 46.95 0.78 -22.86
C ALA A 179 47.06 -0.66 -23.37
N ARG A 180 46.20 -1.03 -24.33
CA ARG A 180 46.35 -2.30 -25.01
C ARG A 180 47.46 -2.22 -26.06
N GLY A 181 47.48 -1.14 -26.83
CA GLY A 181 48.52 -0.96 -27.82
C GLY A 181 48.64 -2.05 -28.85
N PHE A 182 47.61 -2.88 -29.00
CA PHE A 182 47.66 -4.01 -29.92
C PHE A 182 46.24 -4.34 -30.35
N CYS A 183 46.12 -4.99 -31.51
CA CYS A 183 44.81 -5.27 -32.08
C CYS A 183 44.02 -6.25 -31.21
N LEU A 184 44.55 -7.46 -31.04
CA LEU A 184 43.85 -8.46 -30.23
C LEU A 184 43.73 -8.00 -28.79
N HIS A 185 44.71 -7.24 -28.30
CA HIS A 185 44.64 -6.70 -26.94
C HIS A 185 43.52 -5.68 -26.82
N ALA A 186 43.42 -4.76 -27.79
CA ALA A 186 42.33 -3.79 -27.76
C ALA A 186 40.98 -4.44 -27.91
N PHE A 187 40.90 -5.55 -28.65
CA PHE A 187 39.62 -6.24 -28.76
C PHE A 187 39.30 -7.02 -27.49
N THR A 188 40.31 -7.53 -26.80
CA THR A 188 40.08 -8.11 -25.47
C THR A 188 39.60 -7.05 -24.49
N PHE A 189 40.08 -5.81 -24.64
CA PHE A 189 39.65 -4.73 -23.75
C PHE A 189 38.22 -4.29 -24.05
N LEU A 190 37.91 -4.03 -25.32
CA LEU A 190 36.53 -3.80 -25.69
C LEU A 190 35.63 -4.95 -25.30
N ARG A 191 36.17 -6.16 -25.22
CA ARG A 191 35.37 -7.33 -24.89
C ARG A 191 34.65 -7.20 -23.56
N ASP A 192 35.06 -6.26 -22.72
CA ASP A 192 34.35 -6.05 -21.47
C ASP A 192 33.00 -5.41 -21.72
N PRO A 193 31.94 -5.83 -21.03
CA PRO A 193 30.63 -5.22 -21.24
C PRO A 193 30.56 -3.73 -20.91
N TRP A 194 31.25 -3.28 -19.86
CA TRP A 194 31.10 -1.90 -19.43
C TRP A 194 31.71 -0.93 -20.43
N ASN A 195 32.90 -1.25 -20.95
CA ASN A 195 33.53 -0.35 -21.91
C ASN A 195 32.77 -0.28 -23.22
N TRP A 196 31.88 -1.25 -23.48
CA TRP A 196 31.01 -1.18 -24.64
C TRP A 196 30.18 0.11 -24.63
N LEU A 197 29.76 0.53 -23.45
CA LEU A 197 29.06 1.80 -23.31
C LEU A 197 29.91 2.95 -23.84
N ASP A 198 31.20 2.98 -23.46
CA ASP A 198 32.10 4.01 -23.95
C ASP A 198 32.19 3.99 -25.46
N PHE A 199 32.48 2.81 -26.01
CA PHE A 199 32.59 2.69 -27.47
C PHE A 199 31.35 3.22 -28.15
N SER A 200 30.18 2.81 -27.66
CA SER A 200 28.93 3.18 -28.30
C SER A 200 28.68 4.68 -28.23
N VAL A 201 28.81 5.28 -27.05
CA VAL A 201 28.48 6.69 -26.94
C VAL A 201 29.48 7.53 -27.73
N ILE A 202 30.74 7.11 -27.77
CA ILE A 202 31.75 7.89 -28.47
C ILE A 202 31.51 7.81 -29.98
N VAL A 203 31.21 6.62 -30.50
CA VAL A 203 30.95 6.55 -31.93
C VAL A 203 29.65 7.27 -32.27
N MET A 204 28.67 7.26 -31.37
CA MET A 204 27.45 8.03 -31.61
C MET A 204 27.75 9.52 -31.70
N ALA A 205 28.57 10.04 -30.78
CA ALA A 205 28.96 11.44 -30.85
C ALA A 205 29.71 11.74 -32.13
N TYR A 206 30.61 10.84 -32.54
CA TYR A 206 31.35 11.04 -33.78
C TYR A 206 30.42 11.10 -34.99
N THR A 207 29.55 10.11 -35.14
CA THR A 207 28.66 10.11 -36.30
C THR A 207 27.68 11.27 -36.26
N THR A 208 27.35 11.77 -35.07
CA THR A 208 26.51 12.95 -35.01
C THR A 208 27.29 14.19 -35.45
N GLU A 209 28.58 14.24 -35.13
CA GLU A 209 29.40 15.35 -35.62
C GLU A 209 29.61 15.27 -37.13
N PHE A 210 29.65 14.05 -37.68
CA PHE A 210 29.84 13.88 -39.11
C PHE A 210 28.60 14.32 -39.89
N VAL A 211 27.47 13.65 -39.66
CA VAL A 211 26.20 13.95 -40.31
C VAL A 211 25.13 14.00 -39.23
N ASP A 212 24.04 14.70 -39.52
CA ASP A 212 22.89 14.79 -38.61
C ASP A 212 22.42 13.41 -38.18
N GLY A 214 16.43 11.22 -40.83
CA GLY A 214 17.31 12.27 -40.32
C GLY A 214 17.27 12.37 -38.82
N ASN A 215 17.72 13.52 -38.29
CA ASN A 215 17.73 13.77 -36.85
C ASN A 215 16.31 14.07 -36.40
N VAL A 216 15.71 13.09 -35.69
CA VAL A 216 14.39 13.28 -35.11
C VAL A 216 14.48 13.63 -33.64
N SER A 217 15.70 13.89 -33.14
CA SER A 217 16.06 14.21 -31.76
C SER A 217 16.06 12.98 -30.87
N ALA A 218 15.84 11.79 -31.42
CA ALA A 218 16.03 10.58 -30.63
C ALA A 218 17.48 10.41 -30.22
N LEU A 219 18.40 10.81 -31.11
CA LEU A 219 19.83 10.71 -30.82
C LEU A 219 20.24 11.61 -29.66
N ARG A 220 19.45 12.64 -29.37
CA ARG A 220 19.78 13.54 -28.28
C ARG A 220 19.50 12.90 -26.92
N THR A 221 18.74 11.81 -26.91
CA THR A 221 18.38 11.21 -25.62
C THR A 221 19.46 10.24 -25.14
N PHE A 222 20.09 9.50 -26.04
CA PHE A 222 21.02 8.45 -25.65
C PHE A 222 22.20 8.95 -24.82
N ARG A 223 22.41 10.25 -24.74
CA ARG A 223 23.51 10.77 -23.95
C ARG A 223 23.34 10.51 -22.46
N VAL A 224 22.18 9.99 -22.05
CA VAL A 224 21.97 9.74 -20.64
C VAL A 224 22.76 8.54 -20.17
N LEU A 225 22.93 7.53 -21.05
CA LEU A 225 23.59 6.31 -20.61
C LEU A 225 25.05 6.56 -20.26
N ARG A 226 25.62 7.67 -20.70
CA ARG A 226 26.93 8.05 -20.22
C ARG A 226 26.97 8.06 -18.70
N ALA A 227 25.81 8.25 -18.07
CA ALA A 227 25.76 8.20 -16.61
C ALA A 227 26.16 6.84 -16.08
N LEU A 228 25.81 5.76 -16.80
CA LEU A 228 26.15 4.43 -16.31
C LEU A 228 27.64 4.22 -16.15
N LYS A 229 28.46 4.95 -16.92
CA LYS A 229 29.90 4.89 -16.69
C LYS A 229 30.24 5.20 -15.24
N THR A 230 29.40 5.98 -14.55
CA THR A 230 29.57 6.18 -13.12
C THR A 230 29.61 4.84 -12.38
N ILE A 231 29.01 3.81 -12.96
CA ILE A 231 28.96 2.52 -12.29
C ILE A 231 30.30 1.81 -12.40
N SER A 232 30.83 1.69 -13.62
CA SER A 232 32.07 0.94 -13.81
C SER A 232 33.31 1.76 -13.48
N VAL A 233 33.20 3.07 -13.27
CA VAL A 233 34.36 3.78 -12.74
C VAL A 233 34.47 3.55 -11.24
N ILE A 234 33.37 3.24 -10.57
CA ILE A 234 33.36 3.03 -9.14
C ILE A 234 33.65 1.57 -8.83
N SER A 235 34.48 1.34 -7.82
CA SER A 235 34.96 0.00 -7.51
C SER A 235 33.86 -0.92 -7.02
N GLY A 236 32.71 -0.38 -6.63
CA GLY A 236 31.66 -1.20 -6.07
C GLY A 236 30.33 -1.14 -6.79
N LEU A 237 30.08 -0.06 -7.51
CA LEU A 237 28.83 0.07 -8.26
C LEU A 237 28.66 -1.09 -9.23
N LYS A 238 29.68 -1.37 -10.04
CA LYS A 238 29.59 -2.53 -10.94
C LYS A 238 29.34 -3.80 -10.15
N THR A 239 29.98 -3.92 -8.98
CA THR A 239 29.76 -5.09 -8.16
C THR A 239 28.31 -5.18 -7.70
N ILE A 240 27.75 -4.06 -7.25
CA ILE A 240 26.39 -4.09 -6.73
C ILE A 240 25.40 -4.40 -7.82
N VAL A 241 25.55 -3.78 -8.99
CA VAL A 241 24.59 -4.04 -10.05
C VAL A 241 24.76 -5.45 -10.61
N GLY A 242 25.98 -6.00 -10.56
CA GLY A 242 26.12 -7.42 -10.82
C GLY A 242 25.39 -8.25 -9.79
N ALA A 243 25.34 -7.77 -8.56
CA ALA A 243 24.60 -8.47 -7.52
C ALA A 243 23.09 -8.41 -7.77
N LEU A 244 22.60 -7.31 -8.33
CA LEU A 244 21.15 -7.15 -8.48
C LEU A 244 20.57 -8.18 -9.45
N ILE A 245 21.15 -8.27 -10.66
CA ILE A 245 20.62 -9.17 -11.69
C ILE A 245 20.49 -10.60 -11.17
N GLN A 246 21.20 -10.92 -10.09
CA GLN A 246 21.13 -12.27 -9.54
C GLN A 246 19.77 -12.53 -8.93
N SER A 247 19.30 -11.60 -8.08
CA SER A 247 18.01 -11.79 -7.43
C SER A 247 16.87 -11.84 -8.45
N VAL A 248 16.95 -11.02 -9.51
CA VAL A 248 15.88 -11.04 -10.51
C VAL A 248 15.89 -12.37 -11.27
N LYS A 249 17.05 -12.98 -11.47
CA LYS A 249 17.08 -14.30 -12.07
C LYS A 249 16.56 -15.37 -11.13
N LYS A 250 16.82 -15.22 -9.82
CA LYS A 250 16.19 -16.09 -8.85
C LYS A 250 14.68 -15.90 -8.81
N LEU A 251 14.21 -14.75 -9.26
CA LEU A 251 12.78 -14.44 -9.29
C LEU A 251 12.07 -15.10 -10.48
N ALA A 252 12.70 -16.07 -11.14
CA ALA A 252 12.17 -16.63 -12.37
C ALA A 252 10.84 -17.34 -12.17
N ASP A 253 10.83 -18.37 -11.33
CA ASP A 253 9.61 -19.13 -11.08
C ASP A 253 8.50 -18.25 -10.54
N VAL A 254 8.83 -17.30 -9.68
CA VAL A 254 7.82 -16.40 -9.15
C VAL A 254 7.22 -15.56 -10.26
N MET A 255 8.06 -15.07 -11.17
CA MET A 255 7.54 -14.29 -12.30
C MET A 255 6.60 -15.13 -13.14
N VAL A 256 6.97 -16.40 -13.37
CA VAL A 256 6.09 -17.26 -14.15
C VAL A 256 4.76 -17.46 -13.44
N LEU A 257 4.81 -17.73 -12.13
CA LEU A 257 3.56 -17.92 -11.39
C LEU A 257 2.69 -16.67 -11.45
N THR A 258 3.29 -15.50 -11.25
CA THR A 258 2.45 -14.31 -11.19
C THR A 258 1.88 -13.97 -12.55
N VAL A 259 2.63 -14.20 -13.63
CA VAL A 259 2.06 -13.90 -14.94
C VAL A 259 0.96 -14.88 -15.28
N PHE A 260 1.15 -16.17 -14.94
CA PHE A 260 0.09 -17.13 -15.19
C PHE A 260 -1.13 -16.85 -14.31
N CYS A 261 -0.90 -16.46 -13.05
CA CYS A 261 -1.98 -16.18 -12.13
C CYS A 261 -2.78 -14.97 -12.57
N LEU A 262 -2.08 -13.91 -12.98
CA LEU A 262 -2.77 -12.74 -13.50
C LEU A 262 -3.51 -13.07 -14.77
N SER A 263 -2.98 -13.96 -15.59
CA SER A 263 -3.69 -14.34 -16.79
C SER A 263 -4.96 -15.11 -16.45
N VAL A 264 -4.88 -16.03 -15.48
CA VAL A 264 -6.05 -16.75 -15.03
C VAL A 264 -7.12 -15.78 -14.53
N PHE A 265 -6.74 -14.91 -13.61
CA PHE A 265 -7.70 -13.97 -13.06
C PHE A 265 -8.19 -13.00 -14.12
N ALA A 266 -7.37 -12.71 -15.12
CA ALA A 266 -7.80 -11.81 -16.17
C ALA A 266 -8.80 -12.48 -17.08
N LEU A 267 -8.67 -13.79 -17.26
CA LEU A 267 -9.71 -14.52 -17.96
C LEU A 267 -11.00 -14.53 -17.14
N ILE A 268 -10.88 -14.74 -15.83
CA ILE A 268 -12.06 -14.66 -14.98
C ILE A 268 -12.75 -13.32 -15.16
N GLY A 269 -12.00 -12.22 -15.02
CA GLY A 269 -12.57 -10.91 -15.15
C GLY A 269 -12.98 -10.57 -16.57
N LEU A 270 -12.41 -11.26 -17.54
CA LEU A 270 -12.81 -11.08 -18.92
C LEU A 270 -14.21 -11.62 -19.14
N GLN A 271 -14.46 -12.84 -18.68
CA GLN A 271 -15.81 -13.40 -18.81
C GLN A 271 -16.79 -12.73 -17.86
N LEU A 272 -16.32 -12.19 -16.73
CA LEU A 272 -17.21 -11.56 -15.77
C LEU A 272 -17.60 -10.14 -16.18
N PHE A 273 -16.61 -9.32 -16.52
CA PHE A 273 -16.79 -7.91 -16.79
C PHE A 273 -16.52 -7.57 -18.25
N MET A 274 -17.02 -8.38 -19.17
CA MET A 274 -16.86 -8.04 -20.57
C MET A 274 -17.61 -6.75 -20.84
N GLY A 275 -16.87 -5.65 -20.95
CA GLY A 275 -17.49 -4.36 -21.14
C GLY A 275 -18.42 -3.97 -20.01
N ASN A 276 -18.33 -4.69 -18.90
CA ASN A 276 -19.24 -4.41 -17.79
C ASN A 276 -18.97 -3.04 -17.19
N LEU A 277 -17.71 -2.61 -17.23
CA LEU A 277 -17.34 -1.30 -16.70
C LEU A 277 -18.01 -0.18 -17.47
N ARG A 278 -18.34 -0.42 -18.74
CA ARG A 278 -18.69 0.67 -19.63
C ARG A 278 -20.08 1.24 -19.42
N HIS A 279 -20.85 0.74 -18.46
CA HIS A 279 -22.22 1.21 -18.30
C HIS A 279 -22.25 2.65 -17.80
N LYS A 280 -23.14 3.44 -18.36
CA LYS A 280 -23.24 4.83 -17.92
C LYS A 280 -24.70 5.24 -17.89
N CYS A 281 -24.96 6.36 -17.21
CA CYS A 281 -26.28 6.94 -17.09
C CYS A 281 -26.36 8.22 -17.91
N VAL A 282 -27.42 8.34 -18.70
CA VAL A 282 -27.63 9.49 -19.59
C VAL A 282 -29.05 10.00 -19.38
N ARG A 283 -29.44 10.97 -20.20
CA ARG A 283 -30.85 11.29 -20.33
C ARG A 283 -31.54 10.25 -21.21
N ASN A 284 -32.85 10.16 -21.09
CA ASN A 284 -33.63 9.19 -21.86
C ASN A 284 -33.54 9.37 -23.37
N PHE A 285 -33.37 8.27 -24.09
CA PHE A 285 -33.30 8.31 -25.54
C PHE A 285 -34.01 7.07 -26.07
N THR A 286 -33.72 6.73 -27.33
CA THR A 286 -34.36 5.62 -28.02
C THR A 286 -35.87 5.71 -27.92
N GLU A 287 -36.41 6.84 -28.38
CA GLU A 287 -37.81 7.16 -28.08
C GLU A 287 -38.80 6.50 -29.04
N LEU A 288 -38.81 6.94 -30.31
CA LEU A 288 -39.81 6.46 -31.26
C LEU A 288 -39.49 6.95 -32.66
N ASN A 289 -39.34 6.03 -33.60
CA ASN A 289 -39.48 6.29 -35.03
C ASN A 289 -38.63 7.49 -35.48
N GLY A 290 -37.32 7.34 -35.36
CA GLY A 290 -36.40 8.32 -35.92
C GLY A 290 -35.97 7.95 -37.32
N ASN A 292 -35.16 4.74 -38.42
CA ASN A 292 -36.19 4.39 -37.45
C ASN A 292 -35.69 4.72 -36.04
N GLY A 293 -34.38 4.81 -35.89
CA GLY A 293 -33.80 5.03 -34.59
C GLY A 293 -33.21 6.41 -34.38
N SER A 294 -33.21 7.25 -35.41
CA SER A 294 -32.54 8.55 -35.36
C SER A 294 -33.49 9.62 -34.82
N VAL A 295 -33.75 9.54 -33.52
CA VAL A 295 -34.50 10.58 -32.81
C VAL A 295 -34.16 10.46 -31.33
N GLU A 296 -34.00 11.61 -30.68
CA GLU A 296 -33.63 11.64 -29.27
C GLU A 296 -34.54 12.59 -28.50
N ALA A 297 -35.08 13.59 -29.19
CA ALA A 297 -35.96 14.56 -28.58
C ALA A 297 -37.23 14.71 -29.38
N SER A 304 -28.03 4.90 -34.76
CA SER A 304 -28.44 4.59 -33.40
C SER A 304 -27.33 4.94 -32.42
N LEU A 305 -26.32 4.06 -32.35
CA LEU A 305 -25.23 4.25 -31.40
C LEU A 305 -24.43 5.50 -31.70
N ASP A 306 -24.64 6.09 -32.88
CA ASP A 306 -23.92 7.29 -33.25
C ASP A 306 -24.17 8.41 -32.25
N VAL A 307 -25.40 8.91 -32.19
CA VAL A 307 -25.72 9.98 -31.25
C VAL A 307 -25.51 9.53 -29.81
N TYR A 308 -25.59 8.22 -29.57
CA TYR A 308 -25.47 7.71 -28.20
C TYR A 308 -24.06 7.87 -27.69
N LEU A 309 -23.07 7.53 -28.51
CA LEU A 309 -21.68 7.85 -28.19
C LEU A 309 -21.39 9.33 -28.32
N ASN A 310 -22.19 10.07 -29.10
CA ASN A 310 -22.01 11.51 -29.17
C ASN A 310 -22.54 12.20 -27.93
N ASP A 311 -23.32 11.49 -27.13
CA ASP A 311 -24.07 12.05 -26.02
C ASP A 311 -23.30 12.56 -24.80
N PRO A 312 -22.02 12.13 -24.48
CA PRO A 312 -21.48 12.32 -23.12
C PRO A 312 -21.83 13.60 -22.38
N ALA A 313 -22.13 14.69 -23.09
CA ALA A 313 -22.81 15.80 -22.45
C ALA A 313 -24.14 15.34 -21.84
N ASN A 314 -24.63 14.16 -22.25
CA ASN A 314 -25.77 13.54 -21.60
C ASN A 314 -25.37 12.69 -20.41
N TYR A 315 -24.09 12.35 -20.27
CA TYR A 315 -23.69 11.43 -19.21
C TYR A 315 -23.97 12.02 -17.85
N LEU A 316 -24.44 11.18 -16.94
CA LEU A 316 -24.73 11.60 -15.59
C LEU A 316 -23.43 11.71 -14.81
N LEU A 317 -23.00 12.94 -14.55
CA LEU A 317 -21.74 13.18 -13.88
C LEU A 317 -21.85 12.83 -12.40
N LYS A 318 -20.89 12.04 -11.89
CA LYS A 318 -20.88 11.70 -10.47
C LYS A 318 -20.80 12.98 -9.65
N ASN A 319 -21.86 13.28 -8.89
CA ASN A 319 -22.01 14.57 -8.24
C ASN A 319 -20.76 14.95 -7.46
N GLY A 320 -20.42 16.24 -7.48
CA GLY A 320 -19.26 16.73 -6.77
C GLY A 320 -17.92 16.23 -7.28
N THR A 321 -17.88 15.60 -8.45
CA THR A 321 -16.64 15.05 -8.97
C THR A 321 -16.77 14.98 -10.49
N THR A 322 -15.64 14.81 -11.16
CA THR A 322 -15.63 14.65 -12.61
C THR A 322 -15.61 13.16 -12.95
N ASP A 323 -16.80 12.59 -13.09
CA ASP A 323 -16.93 11.17 -13.38
C ASP A 323 -18.35 10.88 -13.85
N VAL A 324 -18.47 10.07 -14.89
CA VAL A 324 -19.78 9.59 -15.34
C VAL A 324 -20.17 8.42 -14.46
N LEU A 325 -21.31 8.53 -13.80
CA LEU A 325 -21.67 7.57 -12.76
C LEU A 325 -22.15 6.26 -13.39
N LEU A 326 -21.49 5.16 -13.04
CA LEU A 326 -21.84 3.88 -13.62
C LEU A 326 -23.19 3.41 -13.09
N CYS A 327 -23.57 2.20 -13.50
CA CYS A 327 -24.88 1.63 -13.19
C CYS A 327 -24.86 0.17 -13.60
N GLY A 328 -26.03 -0.47 -13.58
CA GLY A 328 -26.10 -1.86 -13.99
C GLY A 328 -27.51 -2.40 -13.99
N ASN A 329 -27.68 -3.53 -14.64
CA ASN A 329 -28.95 -4.22 -14.66
C ASN A 329 -29.28 -4.72 -13.25
N SER A 330 -28.26 -5.16 -12.52
CA SER A 330 -28.49 -5.77 -11.22
C SER A 330 -29.24 -4.81 -10.30
N SER A 331 -29.83 -5.35 -9.25
CA SER A 331 -30.37 -4.48 -8.20
C SER A 331 -29.32 -4.25 -7.12
N ASP A 332 -28.11 -3.95 -7.56
CA ASP A 332 -27.03 -3.56 -6.66
C ASP A 332 -26.19 -2.39 -7.17
N ALA A 333 -26.14 -2.12 -8.47
CA ALA A 333 -25.18 -1.17 -8.98
C ALA A 333 -25.61 0.25 -8.65
N GLY A 334 -24.78 1.21 -9.03
CA GLY A 334 -25.09 2.59 -8.76
C GLY A 334 -26.33 3.03 -9.49
N THR A 335 -27.26 3.60 -8.76
CA THR A 335 -28.60 3.88 -9.26
C THR A 335 -28.72 5.36 -9.61
N CYS A 336 -29.28 5.62 -10.76
CA CYS A 336 -29.47 6.98 -11.24
C CYS A 336 -30.80 7.53 -10.75
N PRO A 337 -30.93 8.86 -10.70
CA PRO A 337 -32.21 9.46 -10.30
C PRO A 337 -33.18 9.57 -11.46
N GLU A 338 -34.30 10.25 -11.23
CA GLU A 338 -35.28 10.50 -12.28
C GLU A 338 -34.68 11.39 -13.37
N GLY A 339 -35.13 11.18 -14.61
CA GLY A 339 -34.59 11.89 -15.73
C GLY A 339 -33.33 11.30 -16.30
N TYR A 340 -33.04 10.03 -16.02
CA TYR A 340 -31.82 9.41 -16.48
C TYR A 340 -32.04 7.92 -16.69
N ARG A 341 -31.56 7.43 -17.83
CA ARG A 341 -31.66 6.03 -18.20
C ARG A 341 -30.26 5.43 -18.21
N CYS A 342 -30.18 4.17 -17.81
CA CYS A 342 -28.91 3.47 -17.57
C CYS A 342 -28.66 2.47 -18.70
N LEU A 343 -27.57 2.67 -19.43
CA LEU A 343 -27.31 1.85 -20.60
C LEU A 343 -25.82 1.56 -20.71
N LYS A 344 -25.48 0.32 -21.07
CA LYS A 344 -24.08 -0.06 -21.16
C LYS A 344 -23.35 0.71 -22.24
N ALA A 345 -24.03 1.05 -23.32
CA ALA A 345 -23.37 1.72 -24.42
C ALA A 345 -22.74 3.02 -23.93
N GLY A 346 -21.43 3.08 -24.00
CA GLY A 346 -20.72 4.26 -23.56
C GLY A 346 -19.56 4.51 -24.49
N GLU A 347 -19.09 5.76 -24.49
CA GLU A 347 -18.01 6.14 -25.38
C GLU A 347 -16.77 5.29 -25.12
N ASN A 348 -16.40 5.13 -23.85
CA ASN A 348 -15.13 4.55 -23.49
C ASN A 348 -15.03 4.36 -21.98
N PRO A 349 -14.01 3.66 -21.50
CA PRO A 349 -13.74 3.69 -20.06
C PRO A 349 -13.20 5.04 -19.63
N ASP A 350 -12.75 5.18 -18.37
CA ASP A 350 -12.29 6.47 -17.85
C ASP A 350 -11.37 7.20 -18.83
N HIS A 351 -10.34 6.52 -19.32
CA HIS A 351 -9.58 7.03 -20.44
C HIS A 351 -9.20 5.92 -21.39
N GLY A 352 -9.89 4.79 -21.33
CA GLY A 352 -9.57 3.65 -22.16
C GLY A 352 -8.47 2.77 -21.62
N TYR A 353 -7.82 3.17 -20.54
CA TYR A 353 -6.75 2.38 -19.97
C TYR A 353 -7.21 1.51 -18.81
N THR A 354 -8.48 1.58 -18.43
CA THR A 354 -8.97 0.78 -17.32
C THR A 354 -9.57 -0.54 -17.75
N SER A 355 -10.25 -0.58 -18.88
CA SER A 355 -11.30 -1.55 -19.12
C SER A 355 -10.82 -2.98 -18.92
N PHE A 356 -11.79 -3.86 -18.66
CA PHE A 356 -11.52 -5.27 -18.45
C PHE A 356 -11.62 -6.08 -19.73
N ASP A 357 -12.39 -5.62 -20.72
CA ASP A 357 -12.44 -6.33 -21.98
C ASP A 357 -11.05 -6.33 -22.64
N SER A 358 -10.91 -7.07 -23.73
CA SER A 358 -9.66 -7.02 -24.46
C SER A 358 -8.48 -7.45 -23.59
N PHE A 359 -8.34 -8.75 -23.35
CA PHE A 359 -7.55 -9.32 -22.28
C PHE A 359 -6.28 -8.57 -21.92
N ALA A 360 -5.69 -7.84 -22.86
CA ALA A 360 -4.51 -7.04 -22.51
C ALA A 360 -4.86 -5.97 -21.48
N TRP A 361 -5.97 -5.25 -21.69
CA TRP A 361 -6.41 -4.29 -20.69
C TRP A 361 -6.71 -4.97 -19.37
N ALA A 362 -7.29 -6.16 -19.41
CA ALA A 362 -7.54 -6.88 -18.16
C ALA A 362 -6.24 -7.26 -17.50
N PHE A 363 -5.20 -7.52 -18.28
CA PHE A 363 -3.92 -7.79 -17.67
C PHE A 363 -3.36 -6.55 -17.01
N LEU A 364 -3.58 -5.39 -17.62
CA LEU A 364 -3.14 -4.15 -16.97
C LEU A 364 -3.90 -3.92 -15.67
N ALA A 365 -5.21 -4.01 -15.71
CA ALA A 365 -6.01 -3.75 -14.52
C ALA A 365 -5.68 -4.75 -13.42
N LEU A 366 -5.41 -5.99 -13.77
CA LEU A 366 -5.03 -6.89 -12.70
C LEU A 366 -3.58 -6.72 -12.31
N PHE A 367 -2.77 -6.09 -13.13
CA PHE A 367 -1.46 -5.69 -12.62
C PHE A 367 -1.63 -4.64 -11.54
N ARG A 368 -2.47 -3.63 -11.76
CA ARG A 368 -2.59 -2.60 -10.74
C ARG A 368 -3.20 -3.18 -9.47
N LEU A 369 -4.19 -4.07 -9.58
CA LEU A 369 -4.71 -4.71 -8.37
C LEU A 369 -3.79 -5.77 -7.82
N MET A 370 -2.70 -6.10 -8.50
CA MET A 370 -1.62 -6.80 -7.82
C MET A 370 -0.74 -5.84 -7.07
N THR A 371 -0.62 -4.60 -7.55
CA THR A 371 0.11 -3.55 -6.86
C THR A 371 -0.78 -2.68 -5.98
N GLN A 372 -2.10 -2.86 -6.06
CA GLN A 372 -3.05 -2.20 -5.19
C GLN A 372 -3.08 -0.70 -5.45
N ASP A 373 -2.16 -0.24 -6.28
CA ASP A 373 -2.13 1.16 -6.65
C ASP A 373 -3.46 1.63 -7.20
N CYS A 374 -4.03 2.64 -6.56
CA CYS A 374 -5.33 3.18 -6.96
C CYS A 374 -6.35 2.07 -7.16
N TRP A 375 -6.12 0.93 -6.52
CA TRP A 375 -6.99 -0.22 -6.73
C TRP A 375 -8.38 0.05 -6.21
N GLU A 376 -8.49 0.90 -5.22
CA GLU A 376 -9.79 1.27 -4.69
C GLU A 376 -10.67 1.88 -5.76
N ARG A 377 -10.10 2.59 -6.73
CA ARG A 377 -10.94 3.26 -7.71
C ARG A 377 -11.56 2.26 -8.68
N LEU A 378 -10.76 1.28 -9.11
CA LEU A 378 -11.28 0.20 -9.94
C LEU A 378 -12.29 -0.64 -9.17
N TYR A 379 -12.00 -0.90 -7.89
CA TYR A 379 -12.94 -1.59 -7.03
C TYR A 379 -14.29 -0.88 -7.03
N GLN A 380 -14.29 0.41 -6.75
CA GLN A 380 -15.53 1.18 -6.77
C GLN A 380 -16.22 1.09 -8.12
N GLN A 381 -15.48 1.23 -9.23
CA GLN A 381 -16.12 1.25 -10.54
C GLN A 381 -16.72 -0.09 -10.89
N THR A 382 -16.00 -1.18 -10.62
CA THR A 382 -16.55 -2.51 -10.82
C THR A 382 -17.83 -2.70 -10.01
N LEU A 383 -17.79 -2.39 -8.73
CA LEU A 383 -18.96 -2.66 -7.92
C LEU A 383 -20.06 -1.64 -8.15
N ARG A 384 -19.81 -0.59 -8.92
CA ARG A 384 -20.88 0.27 -9.37
C ARG A 384 -21.38 -0.07 -10.76
N SER A 385 -20.68 -0.95 -11.46
CA SER A 385 -21.25 -1.49 -12.69
C SER A 385 -22.00 -2.78 -12.44
N ALA A 386 -21.34 -3.77 -11.85
CA ALA A 386 -21.83 -5.13 -11.78
C ALA A 386 -22.74 -5.40 -10.60
N GLY A 387 -22.39 -4.92 -9.42
CA GLY A 387 -23.16 -5.16 -8.22
C GLY A 387 -22.27 -5.60 -7.07
N LYS A 388 -22.69 -5.25 -5.86
CA LYS A 388 -21.82 -5.41 -4.69
C LYS A 388 -21.32 -6.83 -4.52
N ILE A 389 -22.13 -7.82 -4.91
CA ILE A 389 -21.79 -9.21 -4.62
C ILE A 389 -20.40 -9.54 -5.13
N TYR A 390 -20.10 -9.11 -6.36
CA TYR A 390 -18.85 -9.51 -6.99
C TYR A 390 -17.64 -9.13 -6.18
N MET A 391 -17.83 -8.39 -5.08
CA MET A 391 -16.74 -8.07 -4.20
C MET A 391 -16.02 -9.34 -3.77
N ILE A 392 -16.74 -10.46 -3.70
CA ILE A 392 -16.09 -11.72 -3.36
C ILE A 392 -14.88 -11.91 -4.27
N PHE A 393 -15.11 -11.84 -5.58
CA PHE A 393 -14.03 -11.84 -6.55
C PHE A 393 -12.86 -11.01 -6.05
N PHE A 394 -13.11 -9.73 -5.78
CA PHE A 394 -12.03 -8.81 -5.44
C PHE A 394 -11.29 -9.29 -4.21
N MET A 395 -12.02 -9.65 -3.15
CA MET A 395 -11.29 -10.11 -1.97
C MET A 395 -10.53 -11.38 -2.30
N LEU A 396 -11.18 -12.30 -3.03
CA LEU A 396 -10.46 -13.43 -3.58
C LEU A 396 -9.18 -12.95 -4.25
N VAL A 397 -9.33 -12.08 -5.25
CA VAL A 397 -8.17 -11.50 -5.91
C VAL A 397 -7.24 -10.87 -4.90
N ILE A 398 -7.80 -9.99 -4.06
CA ILE A 398 -6.93 -9.26 -3.14
C ILE A 398 -6.41 -10.18 -2.08
N PHE A 399 -7.06 -11.33 -1.87
CA PHE A 399 -6.41 -12.33 -1.04
C PHE A 399 -5.35 -13.09 -1.83
N LEU A 400 -5.66 -13.46 -3.07
CA LEU A 400 -4.68 -14.16 -3.88
C LEU A 400 -3.74 -13.19 -4.59
N GLY A 401 -4.30 -12.32 -5.43
CA GLY A 401 -3.47 -11.56 -6.34
C GLY A 401 -2.50 -10.63 -5.66
N SER A 402 -3.00 -9.54 -5.10
CA SER A 402 -2.11 -8.55 -4.51
C SER A 402 -1.33 -9.15 -3.34
N PHE A 403 -2.07 -9.50 -2.29
CA PHE A 403 -1.47 -10.01 -1.06
C PHE A 403 -0.45 -11.09 -1.33
N TYR A 404 -0.92 -12.21 -1.90
CA TYR A 404 -0.12 -13.43 -1.89
C TYR A 404 1.03 -13.35 -2.86
N LEU A 405 0.78 -12.89 -4.08
CA LEU A 405 1.86 -12.79 -5.06
C LEU A 405 2.91 -11.81 -4.60
N VAL A 406 2.50 -10.63 -4.12
CA VAL A 406 3.47 -9.65 -3.66
C VAL A 406 4.28 -10.23 -2.52
N ASN A 407 3.62 -11.00 -1.64
CA ASN A 407 4.32 -11.53 -0.50
C ASN A 407 5.35 -12.57 -0.92
N LEU A 408 5.03 -13.37 -1.94
CA LEU A 408 6.02 -14.31 -2.44
C LEU A 408 7.21 -13.59 -3.07
N ILE A 409 6.95 -12.53 -3.83
CA ILE A 409 8.05 -11.77 -4.41
C ILE A 409 8.96 -11.27 -3.29
N LEU A 410 8.36 -10.70 -2.26
CA LEU A 410 9.12 -10.32 -1.07
C LEU A 410 9.96 -11.47 -0.56
N ALA A 411 9.34 -12.64 -0.42
CA ALA A 411 10.03 -13.78 0.19
C ALA A 411 11.25 -14.18 -0.61
N VAL A 412 11.09 -14.32 -1.93
CA VAL A 412 12.20 -14.81 -2.74
C VAL A 412 13.31 -13.78 -2.79
N VAL A 413 12.96 -12.49 -2.93
CA VAL A 413 14.00 -11.47 -2.95
C VAL A 413 14.78 -11.49 -1.65
N ALA A 414 14.07 -11.59 -0.52
CA ALA A 414 14.74 -11.61 0.76
C ALA A 414 15.64 -12.84 0.90
N MET A 415 15.16 -13.99 0.43
CA MET A 415 15.94 -15.22 0.56
C MET A 415 17.23 -15.15 -0.25
N ALA A 416 17.12 -14.77 -1.53
CA ALA A 416 18.33 -14.64 -2.35
C ALA A 416 19.27 -13.60 -1.77
N TYR A 417 18.71 -12.54 -1.18
CA TYR A 417 19.59 -11.52 -0.62
C TYR A 417 20.35 -12.06 0.58
N GLU A 418 19.66 -12.74 1.50
CA GLU A 418 20.34 -13.28 2.66
C GLU A 418 21.39 -14.30 2.24
N GLU A 419 21.08 -15.10 1.22
CA GLU A 419 22.08 -16.01 0.66
C GLU A 419 23.32 -15.24 0.20
N GLN A 420 23.11 -14.20 -0.60
CA GLN A 420 24.23 -13.45 -1.14
C GLN A 420 25.08 -12.86 -0.02
N ASN A 421 24.42 -12.34 1.02
CA ASN A 421 25.19 -11.78 2.13
C ASN A 421 25.91 -12.86 2.92
N GLN A 422 25.36 -14.07 2.95
CA GLN A 422 26.07 -15.18 3.60
C GLN A 422 27.29 -15.62 2.79
N ALA A 423 27.19 -15.56 1.46
CA ALA A 423 28.33 -15.91 0.63
C ALA A 423 29.46 -14.91 0.80
N THR A 424 29.14 -13.67 1.14
CA THR A 424 30.14 -12.65 1.33
C THR A 424 30.91 -12.86 2.63
N GLU A 502 49.25 33.66 35.59
CA GLU A 502 49.81 32.50 34.90
C GLU A 502 51.09 32.03 35.60
N CYS A 503 50.91 31.12 36.56
CA CYS A 503 52.03 30.58 37.32
C CYS A 503 51.78 29.10 37.56
N CYS A 504 52.81 28.42 38.08
CA CYS A 504 52.72 26.97 38.29
C CYS A 504 51.75 26.61 39.41
N PRO A 505 51.90 27.10 40.64
CA PRO A 505 50.89 26.78 41.66
C PRO A 505 49.52 27.34 41.31
N LEU A 506 49.46 28.45 40.58
CA LEU A 506 48.15 28.96 40.17
C LEU A 506 47.45 27.98 39.25
N TRP A 507 48.12 27.59 38.15
CA TRP A 507 47.52 26.60 37.25
C TRP A 507 47.12 25.33 38.00
N MET A 508 48.00 24.84 38.89
CA MET A 508 47.71 23.61 39.60
C MET A 508 46.48 23.77 40.49
N SER A 509 46.48 24.78 41.36
CA SER A 509 45.39 24.98 42.29
C SER A 509 44.08 25.20 41.58
N ILE A 510 44.09 25.98 40.48
CA ILE A 510 42.83 26.29 39.81
C ILE A 510 42.31 25.06 39.06
N LYS A 511 43.20 24.33 38.37
CA LYS A 511 42.78 23.10 37.72
C LYS A 511 42.19 22.13 38.72
N GLN A 512 42.78 22.04 39.92
CA GLN A 512 42.28 21.09 40.89
C GLN A 512 41.03 21.59 41.61
N LYS A 513 40.86 22.91 41.77
CA LYS A 513 39.59 23.42 42.29
C LYS A 513 38.46 23.09 41.34
N VAL A 514 38.62 23.42 40.06
CA VAL A 514 37.58 23.09 39.10
C VAL A 514 37.49 21.59 38.91
N LYS A 515 38.53 20.83 39.24
CA LYS A 515 38.43 19.38 39.24
C LYS A 515 37.58 18.88 40.39
N PHE A 516 37.74 19.47 41.58
CA PHE A 516 36.82 19.18 42.67
C PHE A 516 35.39 19.50 42.27
N VAL A 517 35.21 20.55 41.48
CA VAL A 517 33.88 20.80 40.90
C VAL A 517 33.48 19.64 40.00
N VAL A 518 34.37 19.21 39.11
CA VAL A 518 34.12 18.08 38.23
C VAL A 518 33.76 16.83 39.02
N MET A 519 34.18 16.75 40.28
CA MET A 519 33.94 15.56 41.09
C MET A 519 32.45 15.27 41.24
N ASP A 520 31.59 16.24 40.92
CA ASP A 520 30.15 16.05 40.99
C ASP A 520 29.48 16.87 39.90
N PRO A 521 29.36 16.31 38.69
CA PRO A 521 28.52 16.94 37.67
C PRO A 521 27.05 16.91 38.07
N PHE A 522 26.53 15.70 38.28
CA PHE A 522 25.19 15.45 38.85
C PHE A 522 24.10 16.35 38.25
N ALA A 523 24.13 16.53 36.93
CA ALA A 523 23.09 17.29 36.25
C ALA A 523 22.60 16.60 34.98
N ASP A 524 22.99 15.35 34.75
CA ASP A 524 22.73 14.72 33.46
C ASP A 524 21.26 14.37 33.28
N LEU A 525 20.62 13.74 34.29
CA LEU A 525 19.20 13.51 34.19
C LEU A 525 18.41 14.81 34.16
N THR A 526 18.85 15.80 34.94
CA THR A 526 18.22 17.12 34.89
C THR A 526 18.41 17.75 33.52
N ILE A 527 19.60 17.62 32.94
CA ILE A 527 19.84 18.18 31.61
C ILE A 527 18.97 17.47 30.58
N THR A 528 18.79 16.16 30.72
CA THR A 528 17.93 15.44 29.79
C THR A 528 16.49 15.93 29.91
N MET A 529 16.01 16.10 31.14
CA MET A 529 14.68 16.66 31.32
C MET A 529 14.61 18.07 30.76
N CYS A 530 15.73 18.80 30.80
CA CYS A 530 15.75 20.13 30.20
C CYS A 530 15.64 20.06 28.69
N ILE A 531 16.26 19.05 28.07
CA ILE A 531 16.12 18.85 26.63
C ILE A 531 14.67 18.53 26.29
N VAL A 532 14.08 17.59 27.04
CA VAL A 532 12.68 17.24 26.80
C VAL A 532 11.79 18.45 27.02
N LEU A 533 12.15 19.31 27.98
CA LEU A 533 11.38 20.52 28.21
C LEU A 533 11.59 21.53 27.08
N ASN A 534 12.76 21.55 26.49
CA ASN A 534 12.96 22.34 25.28
C ASN A 534 12.02 21.88 24.19
N THR A 535 12.01 20.58 23.92
CA THR A 535 11.15 20.04 22.87
C THR A 535 9.69 20.32 23.17
N LEU A 536 9.28 20.14 24.42
CA LEU A 536 7.92 20.47 24.81
C LEU A 536 7.64 21.95 24.60
N PHE A 537 8.48 22.80 25.17
CA PHE A 537 8.31 24.24 25.06
C PHE A 537 8.12 24.67 23.62
N MET A 538 8.94 24.11 22.73
CA MET A 538 8.76 24.37 21.31
C MET A 538 7.48 23.74 20.81
N ALA A 539 7.05 22.66 21.46
CA ALA A 539 5.91 21.90 20.96
C ALA A 539 4.61 22.60 21.26
N LEU A 540 4.51 23.31 22.38
CA LEU A 540 3.24 23.97 22.68
C LEU A 540 3.06 25.15 21.75
N GLU A 541 3.11 24.89 20.46
CA GLU A 541 3.13 25.90 19.44
C GLU A 541 1.99 25.61 18.49
N HIS A 542 1.41 26.65 17.91
CA HIS A 542 0.23 26.42 17.11
C HIS A 542 -0.06 27.62 16.24
N TYR A 543 -1.25 27.63 15.65
CA TYR A 543 -1.64 28.58 14.63
C TYR A 543 -1.85 29.98 15.20
N ASN A 544 -2.84 30.13 16.08
CA ASN A 544 -3.23 31.44 16.59
C ASN A 544 -2.72 31.54 18.03
N MET A 545 -1.46 31.93 18.17
CA MET A 545 -0.83 31.99 19.48
C MET A 545 -1.05 33.36 20.11
N THR A 546 -1.42 33.35 21.38
CA THR A 546 -1.64 34.59 22.11
C THR A 546 -0.36 35.41 22.15
N ALA A 547 -0.52 36.73 22.27
CA ALA A 547 0.64 37.62 22.32
C ALA A 547 1.55 37.27 23.50
N GLU A 548 1.05 37.43 24.73
CA GLU A 548 1.88 37.16 25.89
C GLU A 548 2.35 35.72 25.91
N PHE A 549 1.54 34.82 25.36
CA PHE A 549 1.95 33.44 25.14
C PHE A 549 3.26 33.39 24.38
N GLU A 550 3.30 34.00 23.19
CA GLU A 550 4.49 33.96 22.37
C GLU A 550 5.65 34.69 23.03
N GLU A 551 5.34 35.75 23.77
CA GLU A 551 6.37 36.45 24.53
C GLU A 551 7.04 35.48 25.50
N MET A 552 6.25 34.75 26.29
CA MET A 552 6.80 33.77 27.22
C MET A 552 7.55 32.68 26.47
N LEU A 553 7.06 32.29 25.30
CA LEU A 553 7.74 31.23 24.57
C LEU A 553 9.12 31.66 24.12
N GLN A 554 9.25 32.89 23.64
CA GLN A 554 10.57 33.41 23.31
C GLN A 554 11.42 33.57 24.56
N VAL A 555 10.78 33.95 25.67
CA VAL A 555 11.49 34.04 26.95
C VAL A 555 12.17 32.71 27.24
N GLY A 556 11.40 31.63 27.22
CA GLY A 556 11.96 30.33 27.48
C GLY A 556 12.94 29.87 26.42
N ASN A 557 12.72 30.29 25.17
CA ASN A 557 13.73 30.10 24.15
C ASN A 557 15.09 30.57 24.67
N LEU A 558 15.14 31.83 25.07
CA LEU A 558 16.39 32.38 25.57
C LEU A 558 16.86 31.64 26.82
N VAL A 559 15.92 31.25 27.68
CA VAL A 559 16.26 30.47 28.87
C VAL A 559 17.07 29.24 28.49
N PHE A 560 16.48 28.41 27.64
CA PHE A 560 17.12 27.14 27.28
C PHE A 560 18.42 27.37 26.52
N THR A 561 18.44 28.37 25.63
CA THR A 561 19.68 28.66 24.92
C THR A 561 20.79 29.00 25.89
N GLY A 562 20.54 29.95 26.79
CA GLY A 562 21.54 30.30 27.77
C GLY A 562 21.96 29.10 28.60
N ILE A 563 20.98 28.26 28.97
CA ILE A 563 21.28 27.08 29.79
C ILE A 563 22.31 26.21 29.10
N PHE A 564 22.00 25.77 27.88
CA PHE A 564 22.91 24.87 27.19
C PHE A 564 24.22 25.53 26.84
N THR A 565 24.20 26.81 26.47
CA THR A 565 25.42 27.49 26.07
C THR A 565 26.37 27.62 27.25
N ALA A 566 25.85 28.03 28.41
CA ALA A 566 26.68 28.08 29.61
C ALA A 566 27.17 26.69 29.98
N GLU A 567 26.30 25.67 29.86
CA GLU A 567 26.70 24.32 30.21
C GLU A 567 27.89 23.87 29.38
N MET A 568 27.80 24.05 28.06
CA MET A 568 28.90 23.67 27.19
C MET A 568 30.14 24.51 27.47
N THR A 569 29.95 25.81 27.72
CA THR A 569 31.09 26.68 27.98
C THR A 569 31.86 26.22 29.20
N PHE A 570 31.15 25.76 30.24
CA PHE A 570 31.85 25.30 31.43
C PHE A 570 32.44 23.91 31.21
N LYS A 571 31.70 23.04 30.53
CA LYS A 571 32.14 21.65 30.39
C LYS A 571 33.38 21.54 29.50
N ILE A 572 33.36 22.19 28.33
CA ILE A 572 34.50 22.11 27.42
C ILE A 572 35.76 22.62 28.10
N ILE A 573 35.63 23.62 28.96
CA ILE A 573 36.79 24.17 29.64
C ILE A 573 37.20 23.33 30.84
N ALA A 574 36.27 22.58 31.44
CA ALA A 574 36.58 21.93 32.69
C ALA A 574 37.00 20.47 32.53
N LEU A 575 36.60 19.79 31.45
CA LEU A 575 36.98 18.40 31.28
C LEU A 575 38.26 18.25 30.47
N ASP A 576 38.23 18.65 29.20
CA ASP A 576 39.44 18.79 28.40
C ASP A 576 39.12 19.46 27.07
N PRO A 577 39.83 20.52 26.68
CA PRO A 577 39.66 21.05 25.32
C PRO A 577 40.07 20.04 24.26
N TYR A 578 41.10 19.24 24.52
CA TYR A 578 41.53 18.25 23.53
C TYR A 578 40.60 17.04 23.52
N TYR A 579 40.02 16.69 24.66
CA TYR A 579 39.04 15.61 24.67
C TYR A 579 37.75 16.03 23.98
N TYR A 580 37.26 17.23 24.27
CA TYR A 580 36.13 17.77 23.52
C TYR A 580 36.49 18.00 22.06
N PHE A 581 37.78 18.04 21.74
CA PHE A 581 38.21 17.88 20.36
C PHE A 581 38.07 16.43 19.90
N GLN A 582 38.15 15.47 20.83
CA GLN A 582 38.14 14.07 20.44
C GLN A 582 36.74 13.54 20.17
N GLN A 583 35.87 13.53 21.19
CA GLN A 583 34.60 12.81 21.09
C GLN A 583 33.60 13.62 20.27
N GLY A 584 33.20 13.07 19.11
CA GLY A 584 32.34 13.80 18.19
C GLY A 584 30.94 14.05 18.68
N TRP A 585 30.49 13.31 19.69
CA TRP A 585 29.15 13.51 20.23
C TRP A 585 29.03 14.88 20.88
N ASN A 586 29.85 15.12 21.90
CA ASN A 586 29.91 16.43 22.51
C ASN A 586 30.21 17.50 21.47
N ILE A 587 30.92 17.12 20.40
CA ILE A 587 31.20 18.06 19.32
C ILE A 587 29.91 18.47 18.63
N PHE A 588 29.02 17.51 18.34
CA PHE A 588 27.80 17.91 17.66
C PHE A 588 26.87 18.67 18.60
N ASP A 589 26.92 18.36 19.89
CA ASP A 589 26.21 19.20 20.85
C ASP A 589 26.68 20.63 20.76
N SER A 590 28.00 20.83 20.73
CA SER A 590 28.53 22.18 20.60
C SER A 590 28.19 22.79 19.23
N ILE A 591 28.05 21.96 18.20
CA ILE A 591 27.59 22.47 16.91
C ILE A 591 26.22 23.09 17.07
N ILE A 592 25.29 22.36 17.67
CA ILE A 592 23.95 22.92 17.86
C ILE A 592 24.03 24.16 18.74
N VAL A 593 24.98 24.19 19.67
CA VAL A 593 25.24 25.42 20.42
C VAL A 593 25.56 26.56 19.48
N ILE A 594 26.50 26.34 18.57
CA ILE A 594 26.90 27.37 17.61
C ILE A 594 25.69 27.83 16.81
N LEU A 595 24.84 26.88 16.41
CA LEU A 595 23.68 27.22 15.59
C LEU A 595 22.67 28.05 16.38
N SER A 596 22.50 27.73 17.67
CA SER A 596 21.69 28.56 18.55
C SER A 596 22.24 29.97 18.61
N LEU A 597 23.55 30.10 18.79
CA LEU A 597 24.18 31.41 18.78
C LEU A 597 23.88 32.15 17.49
N MET A 598 24.01 31.46 16.37
CA MET A 598 23.73 32.08 15.08
C MET A 598 22.30 32.58 15.02
N GLU A 599 21.35 31.80 15.55
CA GLU A 599 19.97 32.24 15.59
C GLU A 599 19.83 33.50 16.43
N LEU A 600 20.37 33.49 17.65
CA LEU A 600 20.16 34.60 18.57
C LEU A 600 20.99 35.81 18.18
N GLY A 601 22.21 35.58 17.69
CA GLY A 601 23.10 36.68 17.35
C GLY A 601 23.80 36.53 16.00
N SER A 609 10.46 30.51 10.16
CA SER A 609 11.37 30.15 9.08
C SER A 609 12.27 28.99 9.50
N VAL A 610 13.46 28.92 8.89
CA VAL A 610 14.33 27.77 9.05
C VAL A 610 15.29 27.90 10.23
N LEU A 611 15.40 29.10 10.82
CA LEU A 611 16.35 29.34 11.91
C LEU A 611 16.19 28.39 13.08
N ARG A 612 15.09 27.65 13.14
CA ARG A 612 14.82 26.80 14.29
C ARG A 612 15.26 25.36 14.08
N SER A 613 15.55 24.98 12.83
CA SER A 613 15.56 23.56 12.46
C SER A 613 16.57 22.74 13.26
N PHE A 614 17.51 23.38 13.93
CA PHE A 614 18.56 22.64 14.61
C PHE A 614 18.29 22.43 16.09
N ARG A 615 17.42 23.26 16.68
CA ARG A 615 17.16 23.18 18.12
C ARG A 615 16.70 21.80 18.55
N LEU A 616 16.19 21.01 17.62
CA LEU A 616 15.62 19.71 17.89
C LEU A 616 16.70 18.63 17.98
N LEU A 617 17.81 18.85 17.27
CA LEU A 617 18.78 17.79 16.97
C LEU A 617 19.43 17.18 18.20
N ARG A 618 19.02 17.63 19.39
CA ARG A 618 19.59 17.09 20.62
C ARG A 618 18.89 15.81 21.08
N VAL A 619 17.61 15.65 20.73
CA VAL A 619 16.83 14.53 21.27
C VAL A 619 17.58 13.22 21.09
N PHE A 620 18.42 13.15 20.07
CA PHE A 620 19.03 11.89 19.68
C PHE A 620 20.02 11.35 20.70
N LYS A 621 20.53 12.17 21.63
CA LYS A 621 21.39 11.59 22.66
C LYS A 621 20.64 10.56 23.47
N LEU A 622 19.31 10.68 23.52
CA LEU A 622 18.49 9.67 24.17
C LEU A 622 18.82 8.27 23.66
N ALA A 623 19.26 8.15 22.42
CA ALA A 623 19.59 6.86 21.83
C ALA A 623 20.63 6.09 22.64
N LYS A 624 21.41 6.76 23.49
CA LYS A 624 22.38 6.04 24.30
C LYS A 624 21.72 5.42 25.53
N SER A 625 20.74 6.12 26.10
CA SER A 625 19.90 5.54 27.14
C SER A 625 18.68 4.83 26.55
N TRP A 626 18.39 5.06 25.27
CA TRP A 626 17.26 4.43 24.61
C TRP A 626 17.76 3.59 23.46
N PRO A 627 17.80 2.26 23.60
CA PRO A 627 18.58 1.46 22.63
C PRO A 627 17.96 1.38 21.25
N THR A 628 16.63 1.33 21.15
CA THR A 628 16.04 1.11 19.83
C THR A 628 16.09 2.36 18.98
N LEU A 629 16.14 3.54 19.60
CA LEU A 629 16.39 4.70 18.77
C LEU A 629 17.84 4.73 18.31
N ASN A 630 18.75 4.18 19.11
CA ASN A 630 20.07 3.90 18.60
C ASN A 630 20.01 2.94 17.43
N THR A 631 19.03 2.03 17.44
CA THR A 631 18.89 1.12 16.31
C THR A 631 18.40 1.86 15.07
N LEU A 632 17.48 2.81 15.24
CA LEU A 632 17.08 3.65 14.12
C LEU A 632 18.26 4.45 13.59
N ILE A 633 19.12 4.94 14.47
CA ILE A 633 20.29 5.69 14.03
C ILE A 633 21.24 4.77 13.28
N LYS A 634 21.45 3.56 13.77
CA LYS A 634 22.27 2.59 13.03
C LYS A 634 21.64 2.28 11.69
N ILE A 635 20.31 2.28 11.62
CA ILE A 635 19.63 1.99 10.36
C ILE A 635 19.89 3.09 9.35
N ILE A 636 19.67 4.34 9.75
CA ILE A 636 19.92 5.42 8.81
C ILE A 636 21.41 5.53 8.50
N GLY A 637 22.27 5.03 9.40
CA GLY A 637 23.67 4.91 9.07
C GLY A 637 23.90 3.93 7.94
N ASN A 638 23.36 2.71 8.08
CA ASN A 638 23.45 1.73 7.01
C ASN A 638 22.85 2.24 5.72
N SER A 639 21.89 3.16 5.81
CA SER A 639 21.38 3.79 4.59
C SER A 639 22.48 4.57 3.87
N VAL A 640 23.57 4.88 4.55
CA VAL A 640 24.74 5.48 3.91
C VAL A 640 25.99 4.64 4.12
N GLY A 641 25.97 3.72 5.07
CA GLY A 641 27.15 2.96 5.41
C GLY A 641 27.22 1.65 4.66
N ALA A 642 26.88 0.55 5.34
CA ALA A 642 27.10 -0.79 4.80
C ALA A 642 26.52 -0.95 3.41
N LEU A 643 25.20 -0.88 3.29
CA LEU A 643 24.59 -0.95 1.98
C LEU A 643 24.42 0.43 1.36
N GLY A 644 24.98 1.47 1.97
CA GLY A 644 24.74 2.82 1.51
C GLY A 644 25.17 3.05 0.07
N ASN A 645 26.28 2.41 -0.34
CA ASN A 645 26.73 2.56 -1.72
C ASN A 645 25.74 1.93 -2.69
N LEU A 646 25.07 0.85 -2.26
CA LEU A 646 23.91 0.35 -2.99
C LEU A 646 22.92 1.48 -3.28
N THR A 647 22.66 2.32 -2.28
CA THR A 647 21.73 3.43 -2.46
C THR A 647 22.16 4.32 -3.61
N LEU A 648 23.47 4.45 -3.82
CA LEU A 648 23.95 5.23 -4.95
C LEU A 648 23.34 4.72 -6.25
N VAL A 649 23.28 3.40 -6.42
CA VAL A 649 22.59 2.80 -7.56
C VAL A 649 21.24 3.47 -7.75
N LEU A 650 20.42 3.44 -6.71
CA LEU A 650 19.12 4.09 -6.73
C LEU A 650 19.25 5.51 -7.25
N ALA A 651 20.11 6.30 -6.63
CA ALA A 651 20.38 7.66 -7.11
C ALA A 651 20.53 7.65 -8.61
N ILE A 652 21.56 6.94 -9.09
CA ILE A 652 21.87 6.92 -10.52
C ILE A 652 20.63 6.53 -11.31
N ILE A 653 19.98 5.44 -10.88
CA ILE A 653 18.81 4.95 -11.61
C ILE A 653 17.76 6.04 -11.69
N VAL A 654 17.42 6.63 -10.54
CA VAL A 654 16.52 7.78 -10.57
C VAL A 654 17.06 8.78 -11.57
N PHE A 655 18.33 9.18 -11.39
CA PHE A 655 18.91 10.20 -12.26
C PHE A 655 18.79 9.81 -13.72
N ILE A 656 18.89 8.53 -14.05
CA ILE A 656 18.69 8.17 -15.44
C ILE A 656 17.25 8.44 -15.84
N PHE A 657 16.32 7.74 -15.21
CA PHE A 657 14.93 7.85 -15.61
C PHE A 657 14.43 9.27 -15.40
N ALA A 658 14.92 9.93 -14.33
CA ALA A 658 14.49 11.28 -14.03
C ALA A 658 14.59 12.17 -15.26
N VAL A 659 15.55 11.93 -16.14
CA VAL A 659 15.66 12.77 -17.33
C VAL A 659 15.14 12.01 -18.53
N VAL A 660 15.26 10.68 -18.52
CA VAL A 660 14.92 9.93 -19.73
C VAL A 660 13.49 10.19 -20.14
N GLY A 661 12.66 10.64 -19.21
CA GLY A 661 11.29 10.98 -19.55
C GLY A 661 11.11 12.35 -20.16
N MET A 662 11.77 13.36 -19.59
CA MET A 662 11.48 14.73 -19.99
C MET A 662 11.76 14.94 -21.47
N GLN A 663 12.99 14.66 -21.90
CA GLN A 663 13.34 14.77 -23.31
C GLN A 663 12.48 13.89 -24.19
N LEU A 664 11.83 12.88 -23.62
CA LEU A 664 10.90 12.05 -24.37
C LEU A 664 9.47 12.54 -24.21
N PHE A 665 9.14 13.12 -23.07
CA PHE A 665 7.78 13.55 -22.78
C PHE A 665 7.65 15.03 -22.49
N GLY A 666 8.68 15.63 -21.88
CA GLY A 666 8.57 17.02 -21.47
C GLY A 666 8.12 17.93 -22.58
N LYS A 667 8.79 17.86 -23.73
CA LYS A 667 8.36 18.65 -24.88
C LYS A 667 6.88 18.44 -25.15
N ASN A 668 6.46 17.18 -25.24
CA ASN A 668 5.04 16.89 -25.37
C ASN A 668 4.29 17.38 -24.15
N TYR A 669 4.82 17.11 -22.95
CA TYR A 669 4.26 17.69 -21.73
C TYR A 669 4.07 19.18 -21.88
N SER A 670 4.93 19.84 -22.64
CA SER A 670 4.93 21.28 -22.75
C SER A 670 3.90 21.82 -23.72
N GLU A 671 3.25 20.98 -24.52
CA GLU A 671 2.44 21.53 -25.59
C GLU A 671 1.00 21.03 -25.62
N LEU A 672 0.73 19.75 -25.34
CA LEU A 672 -0.65 19.30 -25.22
C LEU A 672 -1.17 19.46 -23.80
N ARG A 673 -0.59 20.40 -23.06
CA ARG A 673 -0.90 20.61 -21.65
C ARG A 673 -2.40 20.67 -21.38
N HIS A 674 -3.19 21.14 -22.34
CA HIS A 674 -4.63 21.17 -22.12
C HIS A 674 -5.24 19.78 -22.04
N ARG A 675 -4.49 18.74 -22.38
CA ARG A 675 -5.01 17.38 -22.36
C ARG A 675 -4.77 16.69 -21.02
N ILE A 676 -3.79 17.15 -20.26
CA ILE A 676 -3.33 16.40 -19.10
C ILE A 676 -3.69 17.11 -17.80
N SER A 677 -3.91 18.42 -17.88
CA SER A 677 -4.26 19.23 -16.72
C SER A 677 -5.51 20.03 -17.07
N ASP A 678 -6.63 19.68 -16.43
CA ASP A 678 -7.89 20.33 -16.77
C ASP A 678 -7.89 21.80 -16.38
N SER A 679 -7.56 22.11 -15.13
CA SER A 679 -7.46 23.50 -14.73
C SER A 679 -6.33 24.15 -15.50
N GLY A 680 -6.65 24.96 -16.50
CA GLY A 680 -5.68 25.28 -17.52
C GLY A 680 -4.43 25.93 -16.96
N LEU A 681 -3.40 25.10 -16.80
CA LEU A 681 -2.12 25.41 -16.19
C LEU A 681 -1.25 24.16 -16.23
N LEU A 682 0.00 24.29 -15.82
CA LEU A 682 0.85 23.12 -15.71
C LEU A 682 0.20 22.10 -14.79
N PRO A 683 0.41 20.81 -15.00
CA PRO A 683 -0.16 19.82 -14.10
C PRO A 683 0.58 19.81 -12.78
N ARG A 684 -0.01 19.11 -11.81
CA ARG A 684 0.63 19.00 -10.51
C ARG A 684 1.91 18.20 -10.60
N TRP A 685 1.97 17.27 -11.54
CA TRP A 685 3.15 16.45 -11.74
C TRP A 685 3.42 16.42 -13.23
N HIS A 686 4.22 17.36 -13.71
CA HIS A 686 4.71 17.32 -15.07
C HIS A 686 6.15 16.84 -15.06
N MET A 687 6.71 16.66 -16.24
CA MET A 687 8.11 16.29 -16.37
C MET A 687 8.92 17.34 -17.12
N MET A 688 8.34 18.48 -17.46
CA MET A 688 9.05 19.45 -18.27
C MET A 688 10.34 19.90 -17.61
N ASP A 689 10.34 20.08 -16.29
CA ASP A 689 11.54 20.48 -15.59
C ASP A 689 12.35 19.24 -15.25
N PHE A 690 13.33 19.39 -14.37
CA PHE A 690 13.95 18.21 -13.78
C PHE A 690 13.53 17.97 -12.35
N PHE A 691 13.16 19.02 -11.61
CA PHE A 691 12.55 18.77 -10.32
C PHE A 691 11.30 17.94 -10.47
N HIS A 692 10.36 18.44 -11.28
CA HIS A 692 9.10 17.74 -11.46
C HIS A 692 9.29 16.33 -11.99
N ALA A 693 10.28 16.11 -12.83
CA ALA A 693 10.53 14.75 -13.26
C ALA A 693 11.14 13.94 -12.15
N PHE A 694 11.94 14.54 -11.29
CA PHE A 694 12.37 13.79 -10.13
C PHE A 694 11.19 13.41 -9.28
N LEU A 695 10.17 14.26 -9.23
CA LEU A 695 9.01 13.98 -8.40
C LEU A 695 8.16 12.86 -9.00
N ILE A 696 8.02 12.83 -10.32
CA ILE A 696 7.34 11.71 -10.96
C ILE A 696 8.09 10.41 -10.72
N ILE A 697 9.40 10.42 -10.91
CA ILE A 697 10.15 9.20 -10.65
C ILE A 697 10.05 8.81 -9.19
N PHE A 698 9.95 9.77 -8.30
CA PHE A 698 9.84 9.45 -6.89
C PHE A 698 8.49 8.82 -6.59
N ARG A 699 7.41 9.51 -6.95
CA ARG A 699 6.07 8.98 -6.77
C ARG A 699 5.97 7.57 -7.32
N ILE A 700 6.53 7.32 -8.50
CA ILE A 700 6.48 5.98 -9.05
C ILE A 700 7.30 5.03 -8.19
N LEU A 701 8.42 5.48 -7.64
CA LEU A 701 9.13 4.64 -6.68
C LEU A 701 8.30 4.38 -5.45
N CYS A 702 7.28 5.19 -5.21
CA CYS A 702 6.41 5.04 -4.05
C CYS A 702 5.19 4.16 -4.34
N GLY A 703 5.21 3.43 -5.44
CA GLY A 703 4.15 2.49 -5.75
C GLY A 703 2.84 3.11 -6.14
N GLU A 704 2.83 4.26 -6.81
CA GLU A 704 1.60 4.95 -7.14
C GLU A 704 1.55 5.36 -8.60
N TRP A 705 1.90 4.45 -9.52
CA TRP A 705 2.14 4.88 -10.88
C TRP A 705 0.86 5.16 -11.67
N ILE A 706 0.01 4.15 -11.88
CA ILE A 706 -0.99 4.22 -12.95
C ILE A 706 -1.72 5.55 -13.01
N GLU A 707 -1.81 6.26 -11.89
CA GLU A 707 -2.50 7.54 -11.86
C GLU A 707 -1.69 8.64 -12.51
N THR A 708 -0.37 8.47 -12.66
CA THR A 708 0.41 9.33 -13.54
C THR A 708 0.71 8.69 -14.88
N MET A 709 0.62 7.37 -14.97
CA MET A 709 0.78 6.73 -16.26
C MET A 709 -0.38 7.06 -17.18
N TRP A 710 -1.58 7.21 -16.65
CA TRP A 710 -2.66 7.67 -17.51
C TRP A 710 -2.33 9.01 -18.12
N ASP A 711 -1.70 9.89 -17.34
CA ASP A 711 -1.25 11.15 -17.89
C ASP A 711 -0.22 10.93 -18.99
N CYS A 712 0.89 10.28 -18.65
CA CYS A 712 1.98 10.08 -19.59
C CYS A 712 1.50 9.46 -20.89
N MET A 713 0.51 8.58 -20.82
CA MET A 713 -0.03 8.00 -22.03
C MET A 713 -0.97 8.95 -22.74
N GLU A 714 -1.74 9.73 -22.00
CA GLU A 714 -2.70 10.62 -22.64
C GLU A 714 -2.02 11.81 -23.30
N VAL A 715 -0.75 12.06 -22.99
CA VAL A 715 -0.05 13.13 -23.68
C VAL A 715 0.64 12.58 -24.91
N SER A 716 1.57 11.64 -24.72
CA SER A 716 2.46 11.24 -25.79
C SER A 716 1.95 10.07 -26.60
N GLY A 717 1.80 8.90 -26.00
CA GLY A 717 1.46 7.71 -26.76
C GLY A 717 1.75 6.42 -26.03
N GLN A 718 0.95 5.38 -26.31
CA GLN A 718 0.94 4.22 -25.44
C GLN A 718 2.27 3.50 -25.43
N SER A 719 2.88 3.29 -26.58
CA SER A 719 4.00 2.38 -26.68
C SER A 719 5.14 2.79 -25.76
N LEU A 720 5.73 3.95 -26.03
CA LEU A 720 6.91 4.38 -25.29
C LEU A 720 6.56 4.68 -23.84
N CYS A 721 5.38 5.25 -23.61
CA CYS A 721 5.01 5.54 -22.23
C CYS A 721 4.94 4.27 -21.40
N LEU A 722 4.36 3.22 -21.96
CA LEU A 722 4.41 1.93 -21.29
C LEU A 722 5.85 1.49 -21.08
N LEU A 723 6.62 1.44 -22.17
CA LEU A 723 7.97 0.91 -22.07
C LEU A 723 8.80 1.64 -21.03
N VAL A 724 8.49 2.89 -20.73
CA VAL A 724 9.24 3.59 -19.71
C VAL A 724 8.59 3.48 -18.35
N PHE A 725 7.26 3.47 -18.24
CA PHE A 725 6.69 3.46 -16.89
C PHE A 725 6.74 2.06 -16.28
N LEU A 726 6.44 1.03 -17.07
CA LEU A 726 6.69 -0.32 -16.59
C LEU A 726 8.15 -0.51 -16.24
N LEU A 727 9.05 0.03 -17.06
CA LEU A 727 10.46 -0.10 -16.76
C LEU A 727 10.80 0.54 -15.43
N VAL A 728 10.38 1.78 -15.23
CA VAL A 728 10.72 2.44 -13.97
C VAL A 728 10.08 1.69 -12.82
N MET A 729 8.84 1.25 -12.98
CA MET A 729 8.17 0.54 -11.90
C MET A 729 8.93 -0.72 -11.51
N VAL A 730 9.11 -1.65 -12.46
CA VAL A 730 9.79 -2.90 -12.16
C VAL A 730 11.20 -2.64 -11.65
N ILE A 731 12.01 -1.92 -12.43
CA ILE A 731 13.42 -1.74 -12.07
C ILE A 731 13.55 -1.05 -10.73
N GLY A 732 12.99 0.15 -10.61
CA GLY A 732 13.14 0.91 -9.38
C GLY A 732 12.54 0.21 -8.18
N ASN A 733 11.43 -0.52 -8.37
CA ASN A 733 10.84 -1.20 -7.22
C ASN A 733 11.69 -2.36 -6.79
N LEU A 734 12.31 -3.06 -7.74
CA LEU A 734 13.24 -4.12 -7.37
C LEU A 734 14.43 -3.56 -6.59
N VAL A 735 14.92 -2.39 -7.00
CA VAL A 735 16.03 -1.79 -6.27
C VAL A 735 15.57 -1.37 -4.87
N VAL A 736 14.44 -0.67 -4.80
CA VAL A 736 13.93 -0.25 -3.50
C VAL A 736 13.71 -1.47 -2.64
N LEU A 737 13.33 -2.58 -3.24
CA LEU A 737 13.11 -3.80 -2.50
C LEU A 737 14.40 -4.35 -1.94
N ASN A 738 15.45 -4.41 -2.76
CA ASN A 738 16.71 -4.92 -2.26
C ASN A 738 17.26 -4.01 -1.17
N LEU A 739 17.03 -2.70 -1.29
CA LEU A 739 17.50 -1.79 -0.26
C LEU A 739 16.72 -1.98 1.03
N PHE A 740 15.39 -2.02 0.93
CA PHE A 740 14.51 -2.26 2.06
C PHE A 740 14.94 -3.51 2.80
N LEU A 741 15.20 -4.58 2.05
CA LEU A 741 15.51 -5.86 2.69
C LEU A 741 16.95 -5.91 3.20
N ALA A 742 17.88 -5.24 2.53
CA ALA A 742 19.21 -5.10 3.10
C ALA A 742 19.14 -4.38 4.43
N LEU A 743 18.29 -3.37 4.53
CA LEU A 743 18.11 -2.67 5.79
C LEU A 743 17.51 -3.61 6.84
N LEU A 744 16.47 -4.35 6.46
CA LEU A 744 15.83 -5.24 7.42
C LEU A 744 16.81 -6.30 7.91
N LEU A 745 17.77 -6.69 7.07
CA LEU A 745 18.75 -7.70 7.51
C LEU A 745 19.89 -7.06 8.30
N SER A 746 20.31 -5.86 7.95
CA SER A 746 21.34 -5.19 8.74
C SER A 746 20.81 -4.72 10.09
N SER A 747 19.49 -4.63 10.23
CA SER A 747 18.91 -4.40 11.55
C SER A 747 19.06 -5.62 12.46
N PHE A 748 19.32 -6.78 11.89
CA PHE A 748 19.61 -7.95 12.69
C PHE A 748 20.93 -7.75 13.42
N GLY A 872 -25.10 -27.07 53.56
CA GLY A 872 -24.47 -28.30 53.96
C GLY A 872 -23.86 -29.06 52.79
N LYS A 873 -23.90 -30.39 52.86
CA LYS A 873 -23.46 -31.22 51.75
C LYS A 873 -24.25 -30.94 50.48
N VAL A 874 -25.47 -30.42 50.61
CA VAL A 874 -26.28 -30.10 49.44
C VAL A 874 -25.72 -28.91 48.69
N TRP A 875 -25.03 -28.00 49.37
CA TRP A 875 -24.26 -26.98 48.68
C TRP A 875 -23.30 -27.61 47.68
N TRP A 876 -22.50 -28.57 48.17
CA TRP A 876 -21.60 -29.29 47.29
C TRP A 876 -22.34 -30.06 46.22
N ARG A 877 -23.52 -30.59 46.53
CA ARG A 877 -24.29 -31.32 45.53
C ARG A 877 -24.71 -30.41 44.39
N LEU A 878 -25.23 -29.23 44.72
CA LEU A 878 -25.61 -28.27 43.69
C LEU A 878 -24.40 -27.82 42.90
N ARG A 879 -23.25 -27.67 43.57
CA ARG A 879 -22.03 -27.32 42.85
C ARG A 879 -21.64 -28.41 41.86
N LYS A 880 -21.82 -29.67 42.24
CA LYS A 880 -21.53 -30.78 41.33
C LYS A 880 -22.47 -30.74 40.14
N THR A 881 -23.75 -30.50 40.39
CA THR A 881 -24.67 -30.27 39.28
C THR A 881 -24.15 -29.16 38.37
N CYS A 882 -23.63 -28.08 38.96
CA CYS A 882 -23.19 -26.94 38.17
C CYS A 882 -22.01 -27.30 37.27
N TYR A 883 -21.03 -28.03 37.81
CA TYR A 883 -19.93 -28.46 36.97
C TYR A 883 -20.44 -29.34 35.83
N ARG A 884 -21.31 -30.29 36.15
CA ARG A 884 -21.84 -31.16 35.10
C ARG A 884 -22.60 -30.35 34.05
N ILE A 885 -23.20 -29.23 34.46
CA ILE A 885 -23.91 -28.36 33.52
C ILE A 885 -22.92 -27.68 32.60
N VAL A 886 -22.02 -26.88 33.18
CA VAL A 886 -21.28 -25.91 32.39
C VAL A 886 -20.13 -26.56 31.64
N GLU A 887 -19.52 -27.60 32.20
CA GLU A 887 -18.41 -28.24 31.50
C GLU A 887 -18.88 -29.06 30.31
N HIS A 888 -20.17 -29.31 30.19
CA HIS A 888 -20.66 -30.21 29.17
C HIS A 888 -20.82 -29.49 27.83
N SER A 889 -20.64 -30.25 26.75
CA SER A 889 -20.65 -29.68 25.40
C SER A 889 -21.94 -28.95 25.10
N TRP A 890 -23.05 -29.39 25.69
CA TRP A 890 -24.33 -28.81 25.33
C TRP A 890 -24.42 -27.35 25.74
N PHE A 891 -23.98 -27.02 26.95
CA PHE A 891 -24.03 -25.62 27.38
C PHE A 891 -23.08 -24.76 26.57
N GLU A 892 -21.90 -25.28 26.27
CA GLU A 892 -20.96 -24.53 25.43
C GLU A 892 -21.59 -24.21 24.09
N THR A 893 -22.08 -25.23 23.38
CA THR A 893 -22.67 -24.98 22.07
C THR A 893 -23.91 -24.10 22.17
N PHE A 894 -24.66 -24.20 23.27
CA PHE A 894 -25.81 -23.33 23.42
C PHE A 894 -25.39 -21.89 23.60
N ILE A 895 -24.34 -21.65 24.39
CA ILE A 895 -23.89 -20.28 24.62
C ILE A 895 -23.28 -19.72 23.35
N ILE A 896 -22.68 -20.59 22.52
CA ILE A 896 -22.21 -20.14 21.22
C ILE A 896 -23.38 -19.74 20.34
N PHE A 897 -24.47 -20.50 20.37
CA PHE A 897 -25.66 -20.10 19.63
C PHE A 897 -26.21 -18.77 20.13
N MET A 898 -26.22 -18.59 21.45
CA MET A 898 -26.66 -17.32 22.00
C MET A 898 -25.79 -16.18 21.48
N ILE A 899 -24.47 -16.34 21.55
CA ILE A 899 -23.60 -15.23 21.18
C ILE A 899 -23.68 -14.95 19.69
N LEU A 900 -23.87 -15.99 18.88
CA LEU A 900 -24.02 -15.76 17.45
C LEU A 900 -25.32 -15.02 17.16
N LEU A 901 -26.40 -15.37 17.87
CA LEU A 901 -27.63 -14.62 17.67
C LEU A 901 -27.48 -13.19 18.13
N SER A 902 -26.72 -12.94 19.19
CA SER A 902 -26.53 -11.57 19.66
C SER A 902 -25.72 -10.78 18.65
N SER A 903 -24.70 -11.40 18.06
CA SER A 903 -23.94 -10.74 17.02
C SER A 903 -24.82 -10.40 15.83
N GLY A 904 -25.68 -11.34 15.43
CA GLY A 904 -26.62 -11.05 14.35
C GLY A 904 -27.59 -9.93 14.73
N ALA A 905 -28.04 -9.93 15.97
CA ALA A 905 -28.83 -8.83 16.50
C ALA A 905 -28.13 -7.51 16.25
N LEU A 906 -26.89 -7.39 16.72
CA LEU A 906 -26.08 -6.22 16.42
C LEU A 906 -26.10 -5.92 14.93
N ALA A 907 -25.88 -6.95 14.11
CA ALA A 907 -25.83 -6.74 12.67
C ALA A 907 -27.13 -6.14 12.15
N PHE A 908 -28.22 -6.33 12.86
CA PHE A 908 -29.48 -5.71 12.47
C PHE A 908 -29.71 -4.37 13.14
N GLU A 909 -28.64 -3.62 13.39
CA GLU A 909 -28.76 -2.25 13.86
C GLU A 909 -28.58 -1.24 12.72
N ASP A 910 -29.07 -1.58 11.53
CA ASP A 910 -28.95 -0.69 10.39
C ASP A 910 -29.81 0.54 10.58
N ILE A 911 -29.81 1.41 9.57
CA ILE A 911 -30.62 2.62 9.65
C ILE A 911 -32.05 2.40 9.22
N TYR A 912 -32.40 1.21 8.73
CA TYR A 912 -33.76 0.92 8.32
C TYR A 912 -34.49 0.05 9.34
N LEU A 913 -34.13 0.15 10.62
CA LEU A 913 -34.93 -0.50 11.65
C LEU A 913 -36.36 0.01 11.61
N GLU A 914 -36.52 1.32 11.41
CA GLU A 914 -37.86 1.90 11.31
C GLU A 914 -38.65 1.31 10.15
N GLU A 915 -37.96 0.77 9.14
CA GLU A 915 -38.65 0.22 7.98
C GLU A 915 -39.54 -0.95 8.35
N ARG A 916 -39.23 -1.66 9.41
CA ARG A 916 -40.10 -2.75 9.88
C ARG A 916 -40.18 -2.67 11.40
N LYS A 917 -41.35 -2.32 11.89
CA LYS A 917 -41.59 -2.21 13.31
C LYS A 917 -41.44 -3.54 14.04
N THR A 918 -41.82 -4.64 13.40
CA THR A 918 -41.82 -5.93 14.07
C THR A 918 -40.42 -6.28 14.56
N ILE A 919 -39.43 -6.17 13.68
CA ILE A 919 -38.06 -6.50 14.04
C ILE A 919 -37.57 -5.61 15.18
N LYS A 920 -38.14 -4.41 15.31
CA LYS A 920 -37.76 -3.44 16.35
C LYS A 920 -37.99 -3.90 17.80
N VAL A 921 -39.20 -4.41 18.09
CA VAL A 921 -39.49 -5.01 19.37
C VAL A 921 -38.94 -6.43 19.43
N LEU A 922 -38.83 -7.09 18.28
CA LEU A 922 -38.19 -8.41 18.24
C LEU A 922 -36.79 -8.34 18.85
N LEU A 923 -35.99 -7.41 18.37
CA LEU A 923 -34.64 -7.24 18.89
C LEU A 923 -34.63 -6.68 20.30
N GLU A 924 -35.67 -5.93 20.67
CA GLU A 924 -35.78 -5.49 22.07
C GLU A 924 -35.87 -6.69 23.01
N TYR A 925 -36.81 -7.60 22.72
CA TYR A 925 -36.91 -8.82 23.52
C TYR A 925 -35.66 -9.66 23.39
N ALA A 926 -35.04 -9.68 22.20
CA ALA A 926 -33.80 -10.40 22.02
C ALA A 926 -32.75 -9.90 23.01
N ASP A 927 -32.53 -8.59 23.04
CA ASP A 927 -31.56 -8.00 23.95
C ASP A 927 -31.88 -8.35 25.40
N LYS A 928 -33.17 -8.32 25.75
CA LYS A 928 -33.54 -8.64 27.12
C LYS A 928 -33.20 -10.10 27.46
N MET A 929 -33.44 -11.02 26.53
CA MET A 929 -33.08 -12.41 26.75
C MET A 929 -31.57 -12.57 26.86
N PHE A 930 -30.82 -11.84 26.05
CA PHE A 930 -29.37 -11.91 26.11
C PHE A 930 -28.87 -11.46 27.48
N THR A 931 -29.33 -10.30 27.93
CA THR A 931 -28.93 -9.84 29.26
C THR A 931 -29.20 -10.92 30.30
N TYR A 932 -30.40 -11.50 30.26
CA TYR A 932 -30.77 -12.43 31.31
C TYR A 932 -29.90 -13.69 31.27
N VAL A 933 -29.72 -14.28 30.10
CA VAL A 933 -28.93 -15.51 30.04
C VAL A 933 -27.48 -15.22 30.38
N PHE A 934 -26.98 -14.05 30.01
CA PHE A 934 -25.57 -13.79 30.25
C PHE A 934 -25.32 -13.51 31.73
N VAL A 935 -26.22 -12.78 32.39
CA VAL A 935 -26.05 -12.61 33.82
C VAL A 935 -26.20 -13.95 34.52
N LEU A 936 -27.12 -14.78 34.04
CA LEU A 936 -27.31 -16.10 34.62
C LEU A 936 -26.01 -16.90 34.59
N GLU A 937 -25.41 -17.01 33.40
CA GLU A 937 -24.17 -17.77 33.31
C GLU A 937 -23.04 -17.07 34.06
N MET A 938 -23.10 -15.76 34.23
CA MET A 938 -22.14 -15.09 35.08
C MET A 938 -22.23 -15.62 36.52
N LEU A 939 -23.46 -15.69 37.06
CA LEU A 939 -23.64 -16.27 38.39
C LEU A 939 -23.13 -17.70 38.45
N LEU A 940 -23.42 -18.47 37.40
CA LEU A 940 -23.03 -19.87 37.40
C LEU A 940 -21.52 -20.02 37.44
N LYS A 941 -20.81 -19.24 36.61
CA LYS A 941 -19.36 -19.26 36.67
C LYS A 941 -18.86 -18.81 38.04
N TRP A 942 -19.46 -17.75 38.59
CA TRP A 942 -19.13 -17.31 39.94
C TRP A 942 -19.09 -18.48 40.90
N VAL A 943 -20.22 -19.16 41.06
CA VAL A 943 -20.28 -20.23 42.05
C VAL A 943 -19.44 -21.42 41.61
N ALA A 944 -19.14 -21.52 40.31
CA ALA A 944 -18.36 -22.65 39.82
C ALA A 944 -16.91 -22.54 40.26
N TYR A 945 -16.24 -21.46 39.85
CA TYR A 945 -14.80 -21.36 40.12
C TYR A 945 -14.54 -20.61 41.41
N GLY A 946 -15.41 -19.70 41.79
CA GLY A 946 -15.09 -18.73 42.81
C GLY A 946 -14.27 -17.60 42.24
N PHE A 947 -14.27 -16.49 42.98
CA PHE A 947 -13.81 -15.24 42.42
C PHE A 947 -12.35 -15.31 42.02
N LYS A 948 -11.55 -16.12 42.72
CA LYS A 948 -10.13 -16.16 42.41
C LYS A 948 -9.88 -16.74 41.02
N LYS A 949 -10.36 -17.96 40.77
CA LYS A 949 -10.17 -18.55 39.45
C LYS A 949 -11.00 -17.83 38.39
N TYR A 950 -12.13 -17.25 38.79
CA TYR A 950 -12.96 -16.50 37.85
C TYR A 950 -12.24 -15.26 37.37
N PHE A 951 -11.91 -14.35 38.29
CA PHE A 951 -11.22 -13.13 37.90
C PHE A 951 -9.73 -13.36 37.64
N THR A 952 -9.26 -14.60 37.71
CA THR A 952 -7.93 -14.92 37.20
C THR A 952 -7.87 -14.77 35.69
N ASN A 953 -8.95 -15.11 35.00
CA ASN A 953 -8.99 -15.10 33.55
C ASN A 953 -9.24 -13.69 33.06
N ALA A 954 -8.44 -13.27 32.07
CA ALA A 954 -8.66 -11.97 31.45
C ALA A 954 -9.92 -11.98 30.59
N TRP A 955 -10.17 -13.08 29.87
CA TRP A 955 -11.38 -13.15 29.06
C TRP A 955 -12.62 -13.12 29.93
N CYS A 956 -12.56 -13.76 31.11
CA CYS A 956 -13.69 -13.68 32.02
C CYS A 956 -13.85 -12.26 32.54
N TRP A 957 -12.74 -11.57 32.79
CA TRP A 957 -12.82 -10.16 33.13
C TRP A 957 -13.57 -9.38 32.07
N LEU A 958 -13.22 -9.60 30.80
CA LEU A 958 -13.85 -8.89 29.69
C LEU A 958 -15.33 -9.20 29.63
N ASP A 959 -15.69 -10.47 29.70
CA ASP A 959 -17.09 -10.84 29.76
C ASP A 959 -17.80 -10.08 30.86
N PHE A 960 -17.17 -9.97 32.03
CA PHE A 960 -17.81 -9.26 33.12
C PHE A 960 -18.02 -7.80 32.77
N LEU A 961 -16.99 -7.16 32.20
CA LEU A 961 -17.14 -5.74 31.89
C LEU A 961 -18.30 -5.52 30.94
N ILE A 962 -18.42 -6.39 29.92
CA ILE A 962 -19.52 -6.22 28.97
C ILE A 962 -20.86 -6.48 29.64
N VAL A 963 -20.95 -7.51 30.48
CA VAL A 963 -22.25 -7.81 31.06
C VAL A 963 -22.64 -6.72 32.04
N ASP A 964 -21.67 -6.09 32.70
CA ASP A 964 -21.99 -4.98 33.58
C ASP A 964 -22.53 -3.82 32.77
N VAL A 965 -21.94 -3.56 31.61
CA VAL A 965 -22.49 -2.54 30.73
C VAL A 965 -23.95 -2.86 30.41
N SER A 966 -24.23 -4.12 30.11
CA SER A 966 -25.60 -4.49 29.77
C SER A 966 -26.53 -4.31 30.95
N LEU A 967 -26.03 -4.59 32.16
CA LEU A 967 -26.84 -4.42 33.36
C LEU A 967 -27.21 -2.96 33.56
N VAL A 968 -26.23 -2.07 33.40
CA VAL A 968 -26.51 -0.64 33.46
C VAL A 968 -27.56 -0.27 32.43
N SER A 969 -27.41 -0.80 31.22
CA SER A 969 -28.36 -0.47 30.15
C SER A 969 -29.77 -0.90 30.53
N LEU A 970 -29.91 -2.11 31.07
CA LEU A 970 -31.25 -2.62 31.36
C LEU A 970 -31.88 -1.91 32.54
N VAL A 971 -31.07 -1.54 33.55
CA VAL A 971 -31.66 -0.84 34.69
C VAL A 971 -32.05 0.57 34.29
N ALA A 972 -31.25 1.23 33.45
CA ALA A 972 -31.65 2.52 32.92
C ALA A 972 -32.90 2.40 32.07
N ASN A 973 -33.07 1.26 31.39
CA ASN A 973 -34.30 1.03 30.66
C ASN A 973 -35.49 0.96 31.60
N THR A 974 -35.44 0.05 32.57
CA THR A 974 -36.53 -0.14 33.51
C THR A 974 -36.77 1.07 34.42
N LEU A 975 -35.85 1.26 35.36
CA LEU A 975 -35.95 2.34 36.34
C LEU A 975 -35.33 3.69 35.98
N GLY A 976 -35.96 4.40 35.07
CA GLY A 976 -35.55 5.74 34.71
C GLY A 976 -34.06 5.90 34.44
N PHE A 977 -33.57 7.13 34.60
CA PHE A 977 -32.15 7.45 34.41
C PHE A 977 -31.68 7.08 33.01
N ALA A 978 -32.26 7.76 32.01
CA ALA A 978 -31.90 7.53 30.62
C ALA A 978 -32.31 8.75 29.79
N GLU A 979 -31.96 8.72 28.51
CA GLU A 979 -32.44 9.72 27.55
C GLU A 979 -31.81 11.08 27.67
N MET A 980 -30.97 11.22 28.68
CA MET A 980 -30.22 12.43 28.90
C MET A 980 -28.79 11.96 29.11
N GLY A 981 -27.86 12.49 28.34
CA GLY A 981 -26.48 12.11 28.54
C GLY A 981 -26.37 10.60 28.64
N ILE A 983 -27.84 7.25 29.66
CA ILE A 983 -26.81 6.32 29.22
C ILE A 983 -26.78 6.30 27.69
N LYS A 984 -27.18 7.41 27.08
CA LYS A 984 -27.20 7.51 25.62
C LYS A 984 -25.78 7.92 25.29
N SER A 985 -24.99 8.28 26.31
CA SER A 985 -23.54 8.33 26.15
C SER A 985 -22.95 6.93 26.14
N LEU A 986 -23.33 6.10 27.10
CA LEU A 986 -22.88 4.72 27.14
C LEU A 986 -23.72 3.80 26.27
N ARG A 987 -24.63 4.38 25.49
CA ARG A 987 -25.51 3.59 24.64
C ARG A 987 -24.87 2.78 23.49
N THR A 988 -23.91 3.37 22.79
CA THR A 988 -23.31 2.71 21.63
C THR A 988 -22.29 1.66 22.01
N LEU A 989 -21.77 1.68 23.25
CA LEU A 989 -20.75 0.70 23.63
C LEU A 989 -21.25 -0.72 23.49
N ARG A 990 -22.57 -0.93 23.34
CA ARG A 990 -23.10 -2.26 23.10
C ARG A 990 -22.46 -2.93 21.88
N ALA A 991 -21.94 -2.14 20.94
CA ALA A 991 -21.32 -2.68 19.74
C ALA A 991 -20.09 -3.53 20.01
N LEU A 992 -19.50 -3.47 21.19
CA LEU A 992 -18.40 -4.35 21.53
C LEU A 992 -18.83 -5.76 21.89
N ARG A 993 -20.12 -6.06 21.77
CA ARG A 993 -20.65 -7.37 22.16
C ARG A 993 -19.86 -8.53 21.58
N PRO A 994 -19.51 -8.57 20.30
CA PRO A 994 -18.82 -9.74 19.76
C PRO A 994 -17.48 -10.02 20.40
N LEU A 995 -16.97 -9.10 21.22
CA LEU A 995 -15.69 -9.31 21.90
C LEU A 995 -15.71 -10.52 22.81
N ARG A 996 -16.87 -11.11 23.08
CA ARG A 996 -16.89 -12.36 23.81
C ARG A 996 -16.50 -13.53 22.93
N ALA A 997 -16.56 -13.37 21.62
CA ALA A 997 -16.30 -14.50 20.74
C ALA A 997 -14.86 -14.99 20.82
N LEU A 998 -13.92 -14.09 21.08
CA LEU A 998 -12.52 -14.46 21.01
C LEU A 998 -12.13 -15.48 22.06
N SER A 999 -12.87 -15.55 23.17
CA SER A 999 -12.46 -16.41 24.26
C SER A 999 -12.66 -17.88 23.92
N ARG A 1000 -13.80 -18.22 23.33
CA ARG A 1000 -14.20 -19.60 23.20
C ARG A 1000 -13.79 -20.22 21.87
N PHE A 1001 -13.54 -19.40 20.84
CA PHE A 1001 -13.09 -19.92 19.56
C PHE A 1001 -11.63 -20.31 19.63
N GLU A 1002 -11.30 -21.44 19.01
CA GLU A 1002 -9.95 -21.97 19.14
C GLU A 1002 -8.96 -21.17 18.31
N GLY A 1003 -9.43 -20.51 17.26
CA GLY A 1003 -8.55 -19.85 16.30
C GLY A 1003 -8.29 -18.38 16.56
N MET A 1004 -9.29 -17.64 17.02
CA MET A 1004 -9.04 -16.25 17.36
C MET A 1004 -8.11 -16.13 18.56
N ARG A 1005 -8.50 -16.76 19.68
CA ARG A 1005 -7.78 -16.61 20.93
C ARG A 1005 -6.28 -16.81 20.79
N VAL A 1006 -5.85 -17.70 19.89
CA VAL A 1006 -4.43 -17.98 19.80
C VAL A 1006 -3.69 -16.81 19.17
N VAL A 1007 -4.22 -16.25 18.08
CA VAL A 1007 -3.54 -15.13 17.46
C VAL A 1007 -3.67 -13.88 18.32
N VAL A 1008 -4.74 -13.79 19.11
CA VAL A 1008 -4.84 -12.68 20.06
C VAL A 1008 -3.77 -12.81 21.13
N ASN A 1009 -3.55 -14.02 21.64
CA ASN A 1009 -2.40 -14.26 22.50
C ASN A 1009 -1.12 -13.81 21.80
N ALA A 1010 -1.05 -14.01 20.49
CA ALA A 1010 0.13 -13.56 19.76
C ALA A 1010 0.27 -12.04 19.75
N LEU A 1011 -0.83 -11.31 19.59
CA LEU A 1011 -0.77 -9.85 19.48
C LEU A 1011 -0.39 -9.20 20.80
N VAL A 1012 -0.98 -9.67 21.91
CA VAL A 1012 -0.55 -9.18 23.21
C VAL A 1012 0.95 -9.42 23.39
N GLY A 1013 1.48 -10.45 22.74
CA GLY A 1013 2.93 -10.59 22.69
C GLY A 1013 3.63 -9.50 21.90
N ALA A 1014 2.90 -8.76 21.08
CA ALA A 1014 3.51 -7.72 20.26
C ALA A 1014 3.35 -6.32 20.84
N ILE A 1015 2.55 -6.15 21.89
CA ILE A 1015 2.44 -4.83 22.54
C ILE A 1015 3.75 -4.41 23.21
N PRO A 1016 4.46 -5.28 23.95
CA PRO A 1016 5.75 -4.85 24.49
C PRO A 1016 6.77 -4.55 23.42
N SER A 1017 6.55 -5.00 22.19
CA SER A 1017 7.43 -4.68 21.09
C SER A 1017 6.88 -3.60 20.18
N ILE A 1018 5.62 -3.24 20.32
CA ILE A 1018 5.11 -2.13 19.52
C ILE A 1018 5.04 -0.83 20.31
N MET A 1019 4.99 -0.87 21.64
CA MET A 1019 4.94 0.39 22.37
C MET A 1019 6.22 1.18 22.16
N ASN A 1020 7.37 0.54 22.30
CA ASN A 1020 8.64 1.22 22.11
C ASN A 1020 8.77 1.80 20.70
N VAL A 1021 8.39 1.00 19.70
CA VAL A 1021 8.50 1.49 18.33
C VAL A 1021 7.48 2.57 18.05
N LEU A 1022 6.31 2.49 18.68
CA LEU A 1022 5.36 3.58 18.55
C LEU A 1022 5.93 4.85 19.15
N LEU A 1023 6.63 4.73 20.28
CA LEU A 1023 7.22 5.92 20.89
C LEU A 1023 8.37 6.47 20.05
N VAL A 1024 9.14 5.59 19.41
CA VAL A 1024 10.23 6.03 18.54
C VAL A 1024 9.66 6.79 17.35
N CYS A 1025 8.66 6.24 16.70
CA CYS A 1025 8.01 6.97 15.63
C CYS A 1025 7.33 8.21 16.16
N LEU A 1026 6.91 8.20 17.42
CA LEU A 1026 6.29 9.38 18.00
C LEU A 1026 7.30 10.54 18.08
N ILE A 1027 8.49 10.27 18.60
CA ILE A 1027 9.52 11.30 18.67
C ILE A 1027 9.98 11.69 17.27
N PHE A 1028 10.28 10.68 16.45
CA PHE A 1028 10.86 10.89 15.14
C PHE A 1028 9.86 11.48 14.16
N TRP A 1029 8.60 11.57 14.54
CA TRP A 1029 7.62 12.35 13.80
C TRP A 1029 7.35 13.68 14.47
N LEU A 1030 7.52 13.76 15.79
CA LEU A 1030 7.39 15.02 16.48
C LEU A 1030 8.41 16.02 15.96
N ILE A 1031 9.61 15.55 15.65
CA ILE A 1031 10.61 16.41 15.00
C ILE A 1031 10.02 17.03 13.75
N PHE A 1032 9.59 16.19 12.82
CA PHE A 1032 9.10 16.72 11.55
C PHE A 1032 7.88 17.57 11.76
N SER A 1033 7.05 17.25 12.74
CA SER A 1033 5.83 18.02 12.89
C SER A 1033 6.14 19.40 13.43
N ILE A 1034 7.06 19.49 14.38
CA ILE A 1034 7.56 20.78 14.83
C ILE A 1034 8.11 21.57 13.66
N MET A 1035 8.90 20.91 12.80
CA MET A 1035 9.50 21.59 11.67
C MET A 1035 8.44 22.12 10.73
N GLY A 1036 7.44 21.29 10.44
CA GLY A 1036 6.34 21.75 9.63
C GLY A 1036 5.54 22.83 10.29
N VAL A 1037 5.55 22.88 11.62
CA VAL A 1037 4.86 23.97 12.30
C VAL A 1037 5.62 25.26 12.07
N ASN A 1038 6.93 25.24 12.30
CA ASN A 1038 7.76 26.41 12.06
C ASN A 1038 7.58 26.92 10.64
N LEU A 1039 7.68 26.02 9.66
CA LEU A 1039 7.66 26.44 8.27
C LEU A 1039 6.25 26.70 7.76
N PHE A 1040 5.27 26.04 8.34
CA PHE A 1040 4.00 25.75 7.70
C PHE A 1040 2.80 26.31 8.44
N ALA A 1041 2.84 26.35 9.76
CA ALA A 1041 1.65 26.55 10.56
C ALA A 1041 0.80 27.70 10.06
N GLY A 1042 -0.48 27.43 9.88
CA GLY A 1042 -1.41 28.46 9.46
C GLY A 1042 -1.43 28.66 7.97
N LYS A 1043 -0.28 28.46 7.32
CA LYS A 1043 -0.16 28.77 5.91
C LYS A 1043 -1.05 27.93 5.02
N PHE A 1044 -1.57 26.81 5.51
CA PHE A 1044 -2.36 25.93 4.67
C PHE A 1044 -3.70 26.52 4.30
N GLY A 1045 -4.27 27.34 5.17
CA GLY A 1045 -5.66 27.72 5.03
C GLY A 1045 -5.88 28.54 3.79
N ARG A 1046 -6.79 28.10 2.92
CA ARG A 1046 -7.10 28.89 1.75
C ARG A 1046 -8.55 28.91 1.31
N CYS A 1047 -9.37 27.93 1.67
CA CYS A 1047 -10.13 27.18 0.67
C CYS A 1047 -10.82 27.97 -0.43
N ILE A 1048 -11.97 28.61 -0.18
CA ILE A 1048 -12.73 29.08 -1.33
C ILE A 1048 -13.95 29.92 -0.99
N ASN A 1049 -14.40 30.71 -1.96
CA ASN A 1049 -15.80 31.15 -2.00
C ASN A 1049 -16.71 29.97 -2.37
N GLN A 1050 -17.95 30.03 -1.88
CA GLN A 1050 -18.84 28.87 -2.05
C GLN A 1050 -19.25 28.63 -3.49
N THR A 1051 -18.64 29.37 -4.42
CA THR A 1051 -18.98 29.20 -5.83
C THR A 1051 -18.53 27.84 -6.35
N GLU A 1052 -17.24 27.52 -6.19
CA GLU A 1052 -16.65 26.36 -6.84
C GLU A 1052 -16.20 25.27 -5.87
N GLY A 1053 -15.31 25.61 -4.93
CA GLY A 1053 -14.71 24.61 -4.05
C GLY A 1053 -13.21 24.47 -4.21
N ASP A 1054 -12.60 25.21 -5.13
CA ASP A 1054 -11.19 25.08 -5.46
C ASP A 1054 -10.47 26.39 -5.19
N LEU A 1055 -9.25 26.27 -4.64
CA LEU A 1055 -8.43 27.32 -4.03
C LEU A 1055 -8.49 28.65 -4.77
N PRO A 1056 -8.42 29.79 -4.05
CA PRO A 1056 -8.71 31.09 -4.68
C PRO A 1056 -7.58 31.62 -5.53
N LEU A 1057 -7.75 32.84 -6.02
CA LEU A 1057 -6.86 33.43 -7.00
C LEU A 1057 -5.65 34.07 -6.34
N ASN A 1058 -4.49 33.85 -6.95
CA ASN A 1058 -3.22 34.42 -6.52
C ASN A 1058 -2.85 35.67 -7.29
N TYR A 1059 -3.78 36.16 -8.12
CA TYR A 1059 -3.50 37.28 -9.01
C TYR A 1059 -3.62 38.66 -8.33
N THR A 1060 -4.56 38.88 -7.39
CA THR A 1060 -5.44 37.91 -6.74
C THR A 1060 -6.89 38.26 -6.89
N ILE A 1061 -7.73 37.52 -6.17
CA ILE A 1061 -9.01 38.04 -5.74
C ILE A 1061 -8.80 38.37 -4.26
N VAL A 1062 -7.92 37.61 -3.63
CA VAL A 1062 -7.60 37.72 -2.21
C VAL A 1062 -6.18 37.21 -2.01
N ASN A 1063 -5.40 37.92 -1.21
CA ASN A 1063 -4.12 37.38 -0.73
C ASN A 1063 -4.17 37.07 0.75
N ASN A 1064 -5.00 37.77 1.50
CA ASN A 1064 -4.90 37.78 2.96
C ASN A 1064 -6.19 37.31 3.58
N LYS A 1065 -6.08 36.51 4.65
CA LYS A 1065 -7.26 36.26 5.48
C LYS A 1065 -7.78 37.56 6.07
N SER A 1066 -6.96 38.59 6.10
CA SER A 1066 -7.38 39.94 6.45
C SER A 1066 -7.67 40.80 5.22
N GLU A 1067 -7.67 40.20 4.03
CA GLU A 1067 -8.15 40.86 2.83
C GLU A 1067 -9.41 40.22 2.28
N CYS A 1068 -9.68 38.97 2.65
CA CYS A 1068 -10.97 38.35 2.34
C CYS A 1068 -12.08 38.94 3.17
N GLU A 1069 -11.76 39.49 4.33
CA GLU A 1069 -12.77 40.11 5.17
C GLU A 1069 -13.36 41.35 4.50
N SER A 1070 -12.54 42.09 3.75
CA SER A 1070 -13.07 43.23 2.99
C SER A 1070 -14.03 42.79 1.91
N PHE A 1071 -13.98 41.52 1.52
CA PHE A 1071 -14.94 40.97 0.57
C PHE A 1071 -16.01 40.11 1.23
N ASN A 1072 -15.92 39.88 2.54
CA ASN A 1072 -16.94 39.07 3.19
C ASN A 1072 -18.23 39.84 3.41
N VAL A 1073 -18.42 40.96 2.70
CA VAL A 1073 -19.73 41.59 2.65
C VAL A 1073 -20.81 40.56 2.38
N THR A 1074 -20.48 39.52 1.62
CA THR A 1074 -21.33 38.36 1.47
C THR A 1074 -20.52 37.15 1.92
N GLY A 1075 -21.12 36.30 2.74
CA GLY A 1075 -20.44 35.16 3.31
C GLY A 1075 -20.12 34.05 2.34
N GLU A 1076 -20.21 34.29 1.03
CA GLU A 1076 -19.96 33.22 0.07
C GLU A 1076 -18.52 32.74 0.12
N LEU A 1077 -17.60 33.58 0.57
CA LEU A 1077 -16.19 33.23 0.65
C LEU A 1077 -15.88 32.64 2.01
N TYR A 1078 -15.19 31.52 2.02
CA TYR A 1078 -14.78 30.88 3.26
C TYR A 1078 -13.28 30.67 3.24
N TRP A 1079 -12.60 31.12 4.29
CA TRP A 1079 -11.17 30.89 4.45
C TRP A 1079 -11.03 29.77 5.47
N THR A 1080 -10.86 28.55 4.98
CA THR A 1080 -10.82 27.38 5.83
C THR A 1080 -9.50 26.66 5.65
N LYS A 1081 -8.95 26.16 6.75
CA LYS A 1081 -7.76 25.36 6.64
C LYS A 1081 -8.10 24.03 6.00
N VAL A 1082 -7.09 23.38 5.41
CA VAL A 1082 -7.32 22.07 4.83
C VAL A 1082 -7.55 21.08 5.95
N LYS A 1083 -8.41 20.08 5.67
CA LYS A 1083 -8.99 19.25 6.72
C LYS A 1083 -7.92 18.58 7.57
N VAL A 1084 -6.74 18.36 7.01
CA VAL A 1084 -5.59 17.89 7.76
C VAL A 1084 -4.42 18.79 7.44
N ASN A 1085 -3.79 19.34 8.47
CA ASN A 1085 -2.75 20.34 8.26
C ASN A 1085 -1.87 20.40 9.51
N PHE A 1086 -0.91 21.33 9.47
CA PHE A 1086 0.09 21.49 10.53
C PHE A 1086 -0.26 22.72 11.34
N ASP A 1087 -1.07 22.54 12.38
CA ASP A 1087 -1.33 23.59 13.34
C ASP A 1087 -0.99 23.17 14.74
N ASN A 1088 -0.42 21.99 14.95
CA ASN A 1088 -0.17 21.50 16.28
C ASN A 1088 1.03 20.57 16.17
N VAL A 1089 1.26 19.78 17.21
CA VAL A 1089 1.88 18.49 17.01
C VAL A 1089 0.81 17.42 16.84
N GLY A 1090 -0.46 17.74 17.12
CA GLY A 1090 -1.54 16.81 16.87
C GLY A 1090 -1.92 16.71 15.41
N ALA A 1091 -2.49 17.76 14.83
CA ALA A 1091 -2.78 17.70 13.40
C ALA A 1091 -1.50 17.53 12.61
N GLY A 1092 -0.36 17.86 13.21
CA GLY A 1092 0.90 17.51 12.60
C GLY A 1092 1.10 16.01 12.54
N TYR A 1093 0.89 15.32 13.67
CA TYR A 1093 0.92 13.87 13.63
C TYR A 1093 -0.06 13.31 12.61
N LEU A 1094 -1.22 13.94 12.47
CA LEU A 1094 -2.21 13.39 11.56
C LEU A 1094 -1.78 13.55 10.11
N ALA A 1095 -1.34 14.74 9.74
CA ALA A 1095 -0.85 14.93 8.38
C ALA A 1095 0.37 14.07 8.11
N LEU A 1096 1.20 13.82 9.13
CA LEU A 1096 2.34 12.94 8.91
C LEU A 1096 1.89 11.52 8.67
N LEU A 1097 0.89 11.05 9.39
CA LEU A 1097 0.37 9.72 9.11
C LEU A 1097 -0.18 9.66 7.70
N GLN A 1098 -1.06 10.59 7.35
CA GLN A 1098 -1.65 10.57 6.03
C GLN A 1098 -0.60 10.65 4.93
N VAL A 1099 0.53 11.30 5.19
CA VAL A 1099 1.58 11.38 4.18
C VAL A 1099 2.34 10.06 4.10
N ALA A 1100 2.91 9.63 5.21
CA ALA A 1100 3.74 8.42 5.16
C ALA A 1100 2.93 7.15 4.96
N THR A 1101 1.60 7.25 4.87
CA THR A 1101 0.81 6.13 4.40
C THR A 1101 0.59 6.18 2.90
N PHE A 1102 0.92 7.31 2.27
CA PHE A 1102 0.90 7.57 0.83
C PHE A 1102 -0.52 7.68 0.32
N LYS A 1103 -1.50 7.40 1.17
CA LYS A 1103 -2.89 7.49 0.76
C LYS A 1103 -3.55 8.72 1.34
N GLY A 1104 -3.44 9.84 0.63
CA GLY A 1104 -4.00 11.09 1.05
C GLY A 1104 -3.01 12.21 1.30
N TRP A 1105 -1.83 12.16 0.69
CA TRP A 1105 -0.93 13.31 0.77
C TRP A 1105 -1.31 14.40 -0.21
N MET A 1106 -2.22 14.13 -1.14
CA MET A 1106 -2.37 15.02 -2.29
C MET A 1106 -2.60 16.45 -1.85
N ASP A 1107 -3.71 16.70 -1.15
CA ASP A 1107 -3.97 18.05 -0.68
C ASP A 1107 -2.89 18.51 0.28
N ILE A 1108 -2.28 17.59 1.01
CA ILE A 1108 -1.24 17.93 1.97
C ILE A 1108 -0.09 18.64 1.27
N MET A 1109 0.60 17.93 0.38
CA MET A 1109 1.72 18.55 -0.32
C MET A 1109 1.26 19.73 -1.13
N TYR A 1110 0.09 19.63 -1.77
CA TYR A 1110 -0.31 20.71 -2.66
C TYR A 1110 -0.48 22.01 -1.88
N ALA A 1111 -1.44 22.05 -0.96
CA ALA A 1111 -1.63 23.26 -0.18
C ALA A 1111 -0.50 23.49 0.81
N ALA A 1112 0.49 22.61 0.88
CA ALA A 1112 1.67 22.93 1.67
C ALA A 1112 2.63 23.79 0.88
N VAL A 1113 3.02 23.34 -0.30
CA VAL A 1113 3.97 24.10 -1.10
C VAL A 1113 3.33 25.37 -1.60
N ASP A 1114 2.14 25.27 -2.20
CA ASP A 1114 1.52 26.46 -2.80
C ASP A 1114 1.44 27.62 -1.82
N SER A 1115 1.38 27.35 -0.52
CA SER A 1115 1.33 28.41 0.46
C SER A 1115 2.64 29.19 0.50
N ARG A 1116 2.54 30.49 0.71
CA ARG A 1116 3.69 31.36 0.79
C ARG A 1116 3.86 31.97 2.17
N GLY A 1117 2.84 32.65 2.69
CA GLY A 1117 2.97 33.40 3.93
C GLY A 1117 2.08 32.85 5.02
N TYR A 1118 2.31 33.35 6.24
CA TYR A 1118 1.61 32.85 7.41
C TYR A 1118 0.11 32.89 7.25
N GLU A 1119 -0.41 33.89 6.56
CA GLU A 1119 -1.81 33.85 6.16
C GLU A 1119 -2.00 34.38 4.75
N GLU A 1120 -0.99 34.23 3.92
CA GLU A 1120 -1.07 34.69 2.53
C GLU A 1120 -1.63 33.57 1.68
N GLN A 1121 -2.62 33.91 0.87
CA GLN A 1121 -3.26 32.91 0.02
C GLN A 1121 -2.23 32.21 -0.85
N PRO A 1122 -2.34 30.90 -1.04
CA PRO A 1122 -1.30 30.14 -1.74
C PRO A 1122 -1.21 30.49 -3.22
N GLN A 1123 -0.11 31.12 -3.59
CA GLN A 1123 0.22 31.30 -5.00
C GLN A 1123 0.59 29.94 -5.58
N TRP A 1124 0.21 29.74 -6.85
CA TRP A 1124 -0.04 28.39 -7.35
C TRP A 1124 1.12 27.45 -7.13
N GLU A 1125 2.35 27.94 -7.10
CA GLU A 1125 3.45 27.02 -6.83
C GLU A 1125 4.53 27.57 -5.90
N ASP A 1126 4.46 28.82 -5.47
CA ASP A 1126 5.59 29.44 -4.79
C ASP A 1126 6.03 28.59 -3.61
N ASN A 1127 7.28 28.81 -3.18
CA ASN A 1127 7.92 27.99 -2.17
C ASN A 1127 7.99 26.54 -2.64
N LEU A 1128 7.97 26.36 -3.96
CA LEU A 1128 7.82 25.05 -4.58
C LEU A 1128 8.80 24.02 -4.05
N TYR A 1129 9.97 24.43 -3.60
CA TYR A 1129 10.93 23.44 -3.17
C TYR A 1129 10.57 22.81 -1.83
N MET A 1130 9.43 23.15 -1.26
CA MET A 1130 9.05 22.55 0.01
C MET A 1130 8.57 21.10 -0.14
N TYR A 1131 8.38 20.62 -1.38
CA TYR A 1131 8.33 19.17 -1.57
C TYR A 1131 9.51 18.51 -0.88
N ILE A 1132 10.69 19.16 -0.92
CA ILE A 1132 11.88 18.56 -0.32
C ILE A 1132 11.62 18.18 1.12
N TYR A 1133 10.66 18.85 1.77
CA TYR A 1133 10.34 18.41 3.12
C TYR A 1133 9.78 16.99 3.05
N PHE A 1134 8.59 16.84 2.46
CA PHE A 1134 7.93 15.55 2.43
C PHE A 1134 8.89 14.48 1.95
N VAL A 1135 9.48 14.70 0.78
CA VAL A 1135 10.43 13.76 0.20
C VAL A 1135 11.42 13.29 1.24
N VAL A 1136 12.14 14.25 1.85
CA VAL A 1136 13.07 13.89 2.92
C VAL A 1136 12.34 13.09 3.97
N PHE A 1137 11.30 13.70 4.55
CA PHE A 1137 10.47 12.97 5.50
C PHE A 1137 10.13 11.60 4.96
N ILE A 1138 9.50 11.56 3.78
CA ILE A 1138 8.94 10.31 3.30
C ILE A 1138 9.99 9.23 3.38
N ILE A 1139 11.22 9.56 2.98
CA ILE A 1139 12.27 8.55 2.98
C ILE A 1139 12.32 7.90 4.35
N PHE A 1140 12.68 8.68 5.36
CA PHE A 1140 12.60 8.19 6.72
C PHE A 1140 11.20 7.66 6.98
N GLY A 1141 10.22 8.57 6.92
CA GLY A 1141 8.87 8.24 7.33
C GLY A 1141 8.31 7.02 6.64
N SER A 1142 8.98 6.54 5.61
CA SER A 1142 8.59 5.24 5.09
C SER A 1142 9.74 4.26 5.11
N PHE A 1143 10.90 4.64 4.60
CA PHE A 1143 11.87 3.59 4.34
C PHE A 1143 12.71 3.26 5.55
N PHE A 1144 12.53 3.98 6.66
CA PHE A 1144 13.16 3.62 7.91
C PHE A 1144 12.15 3.34 9.01
N THR A 1145 11.23 4.28 9.28
CA THR A 1145 10.25 4.07 10.34
C THR A 1145 9.51 2.76 10.12
N LEU A 1146 8.73 2.70 9.03
CA LEU A 1146 8.12 1.45 8.62
C LEU A 1146 9.16 0.34 8.65
N ASN A 1147 10.31 0.58 8.02
CA ASN A 1147 11.38 -0.40 8.05
C ASN A 1147 11.66 -0.86 9.46
N LEU A 1148 12.08 0.08 10.32
CA LEU A 1148 12.38 -0.29 11.70
C LEU A 1148 11.23 -1.05 12.31
N PHE A 1149 10.00 -0.54 12.08
CA PHE A 1149 8.81 -1.22 12.57
C PHE A 1149 8.88 -2.69 12.23
N ILE A 1150 8.86 -2.99 10.92
CA ILE A 1150 8.85 -4.37 10.48
C ILE A 1150 9.98 -5.12 11.16
N GLY A 1151 11.14 -4.48 11.27
CA GLY A 1151 12.30 -5.10 11.87
C GLY A 1151 12.00 -5.75 13.20
N VAL A 1152 11.50 -4.95 14.16
CA VAL A 1152 11.34 -5.51 15.49
C VAL A 1152 10.27 -6.59 15.49
N ILE A 1153 9.29 -6.48 14.58
CA ILE A 1153 8.27 -7.51 14.52
C ILE A 1153 8.89 -8.85 14.18
N ILE A 1154 9.91 -8.85 13.32
CA ILE A 1154 10.47 -10.13 12.87
C ILE A 1154 11.13 -10.86 14.04
N ASP A 1155 12.17 -10.25 14.61
CA ASP A 1155 12.92 -10.88 15.69
C ASP A 1155 11.99 -11.36 16.81
N ASN A 1156 11.18 -10.44 17.34
CA ASN A 1156 10.13 -10.79 18.27
C ASN A 1156 9.41 -12.05 17.81
N PHE A 1157 8.77 -11.98 16.64
CA PHE A 1157 8.09 -13.15 16.11
C PHE A 1157 9.04 -14.30 15.98
N ASN A 1158 10.24 -14.04 15.46
CA ASN A 1158 11.29 -15.05 15.43
C ASN A 1158 11.51 -15.63 16.83
N GLN A 1159 11.75 -14.76 17.81
CA GLN A 1159 11.94 -15.22 19.18
C GLN A 1159 10.69 -15.92 19.70
N GLN A 1160 9.52 -15.50 19.24
CA GLN A 1160 8.28 -16.15 19.66
C GLN A 1160 8.27 -17.60 19.22
N LYS A 1161 8.94 -17.92 18.12
CA LYS A 1161 8.99 -19.31 17.68
C LYS A 1161 9.91 -20.16 18.55
N LYS A 1162 10.73 -19.54 19.40
CA LYS A 1162 11.74 -20.30 20.13
C LYS A 1162 11.16 -20.95 21.39
N LYS A 1163 10.76 -20.14 22.36
CA LYS A 1163 10.35 -20.69 23.65
C LYS A 1163 8.94 -21.24 23.61
N LEU A 1164 8.15 -20.85 22.61
CA LEU A 1164 6.80 -21.38 22.48
C LEU A 1164 6.86 -22.89 22.38
N GLY A 1165 5.89 -23.55 23.02
CA GLY A 1165 5.87 -25.01 23.00
C GLY A 1165 5.87 -25.58 21.60
N GLY A 1166 5.45 -24.79 20.62
CA GLY A 1166 5.51 -25.18 19.23
C GLY A 1166 6.58 -24.42 18.47
N GLN A 1167 6.72 -24.76 17.18
CA GLN A 1167 7.67 -24.09 16.33
C GLN A 1167 7.05 -22.98 15.49
N ASP A 1168 5.77 -23.10 15.12
CA ASP A 1168 5.09 -22.06 14.36
C ASP A 1168 3.76 -21.75 15.02
N ILE A 1169 3.51 -20.46 15.27
CA ILE A 1169 2.32 -19.98 15.95
C ILE A 1169 1.16 -19.87 14.99
N PHE A 1170 -0.02 -19.53 15.49
CA PHE A 1170 -1.19 -19.34 14.65
C PHE A 1170 -1.92 -20.64 14.26
N MET A 1171 -1.43 -21.76 14.77
CA MET A 1171 -2.01 -23.06 14.47
C MET A 1171 -2.46 -23.71 15.76
N THR A 1172 -3.74 -24.04 15.86
CA THR A 1172 -4.22 -24.78 17.01
C THR A 1172 -3.65 -26.20 16.97
N GLU A 1173 -3.94 -26.98 18.01
CA GLU A 1173 -3.47 -28.37 18.04
C GLU A 1173 -4.05 -29.15 16.87
N GLU A 1174 -5.35 -29.07 16.67
CA GLU A 1174 -5.94 -29.73 15.51
C GLU A 1174 -5.40 -29.14 14.22
N GLN A 1175 -5.17 -27.83 14.19
CA GLN A 1175 -4.62 -27.21 12.99
C GLN A 1175 -3.18 -27.65 12.75
N LYS A 1176 -2.40 -27.84 13.82
CA LYS A 1176 -1.08 -28.44 13.66
C LYS A 1176 -1.17 -29.82 13.04
N LYS A 1177 -2.12 -30.63 13.54
CA LYS A 1177 -2.35 -31.94 12.96
C LYS A 1177 -2.68 -31.85 11.48
N TYR A 1178 -3.59 -30.94 11.13
CA TYR A 1178 -4.02 -30.80 9.75
C TYR A 1178 -2.87 -30.36 8.85
N TYR A 1179 -2.02 -29.48 9.35
CA TYR A 1179 -0.87 -29.06 8.55
C TYR A 1179 0.10 -30.22 8.35
N ASN A 1180 0.32 -31.02 9.38
CA ASN A 1180 1.22 -32.17 9.21
C ASN A 1180 0.65 -33.17 8.22
N ALA A 1181 -0.68 -33.34 8.22
CA ALA A 1181 -1.30 -34.25 7.27
C ALA A 1181 -1.26 -33.69 5.85
N MET A 1182 -1.43 -32.38 5.70
CA MET A 1182 -1.31 -31.74 4.40
C MET A 1182 0.11 -31.82 3.88
N LYS A 1183 1.10 -31.74 4.76
CA LYS A 1183 2.49 -31.87 4.34
C LYS A 1183 2.82 -33.31 3.95
N LYS A 1184 2.41 -34.27 4.77
CA LYS A 1184 2.57 -35.67 4.40
C LYS A 1184 1.85 -35.99 3.09
N LEU A 1185 0.83 -35.20 2.75
CA LEU A 1185 0.20 -35.31 1.44
C LEU A 1185 1.15 -34.91 0.33
N GLY A 1186 2.20 -34.13 0.64
CA GLY A 1186 3.16 -33.71 -0.35
C GLY A 1186 4.24 -34.76 -0.62
N SER A 1187 3.83 -36.02 -0.75
CA SER A 1187 4.78 -37.09 -0.99
C SER A 1187 5.38 -36.97 -2.39
N LYS A 1188 6.71 -36.94 -2.44
CA LYS A 1188 7.44 -36.87 -3.71
C LYS A 1188 7.97 -38.23 -4.17
N LYS A 1189 8.24 -39.15 -3.25
CA LYS A 1189 8.62 -40.50 -3.64
C LYS A 1189 7.37 -41.28 -4.04
N PRO A 1190 7.16 -41.56 -5.32
CA PRO A 1190 5.85 -42.05 -5.77
C PRO A 1190 5.60 -43.50 -5.39
N GLN A 1191 4.53 -44.04 -5.97
CA GLN A 1191 4.14 -45.43 -5.82
C GLN A 1191 4.63 -46.24 -7.02
N LYS A 1192 4.13 -47.47 -7.15
CA LYS A 1192 4.49 -48.31 -8.27
C LYS A 1192 4.05 -47.67 -9.58
N PRO A 1193 4.88 -47.70 -10.64
CA PRO A 1193 4.60 -46.90 -11.85
C PRO A 1193 3.27 -47.21 -12.52
N ILE A 1194 3.09 -48.43 -13.03
CA ILE A 1194 1.91 -48.75 -13.83
C ILE A 1194 1.88 -50.25 -14.15
N PRO A 1195 0.71 -50.88 -14.16
CA PRO A 1195 0.61 -52.27 -14.64
C PRO A 1195 0.46 -52.31 -16.16
N ARG A 1196 1.42 -52.96 -16.82
CA ARG A 1196 1.32 -53.16 -18.25
C ARG A 1196 0.08 -54.01 -18.56
N PRO A 1197 -0.67 -53.69 -19.62
CA PRO A 1197 -1.90 -54.45 -19.90
C PRO A 1197 -1.63 -55.82 -20.48
N LEU A 1198 -0.50 -56.00 -21.18
CA LEU A 1198 -0.11 -57.20 -21.90
C LEU A 1198 -0.96 -57.45 -23.14
N ASN A 1199 -2.00 -56.65 -23.38
CA ASN A 1199 -2.78 -56.70 -24.61
C ASN A 1199 -1.95 -56.04 -25.70
N LYS A 1200 -1.62 -56.80 -26.75
CA LYS A 1200 -0.68 -56.36 -27.77
C LYS A 1200 -0.97 -54.95 -28.30
N TYR A 1201 -2.21 -54.72 -28.75
CA TYR A 1201 -2.55 -53.41 -29.29
C TYR A 1201 -2.72 -52.39 -28.17
N GLN A 1202 -3.27 -52.82 -27.03
CA GLN A 1202 -3.22 -51.97 -25.84
C GLN A 1202 -1.79 -51.79 -25.39
N GLY A 1203 -0.91 -52.73 -25.72
CA GLY A 1203 0.51 -52.52 -25.50
C GLY A 1203 1.06 -51.40 -26.36
N PHE A 1204 0.60 -51.32 -27.61
CA PHE A 1204 0.98 -50.19 -28.47
C PHE A 1204 0.44 -48.89 -27.91
N ILE A 1205 -0.80 -48.90 -27.45
CA ILE A 1205 -1.39 -47.72 -26.81
C ILE A 1205 -0.52 -47.28 -25.64
N PHE A 1206 -0.14 -48.23 -24.78
CA PHE A 1206 0.76 -47.92 -23.69
C PHE A 1206 2.10 -47.39 -24.20
N ASP A 1207 2.60 -47.96 -25.29
CA ASP A 1207 3.90 -47.56 -25.82
C ASP A 1207 3.88 -46.14 -26.33
N ILE A 1208 2.71 -45.66 -26.76
CA ILE A 1208 2.62 -44.26 -27.17
C ILE A 1208 2.22 -43.34 -26.01
N VAL A 1209 1.56 -43.89 -24.98
CA VAL A 1209 0.96 -43.05 -23.94
C VAL A 1209 1.95 -42.71 -22.84
N THR A 1210 2.49 -43.71 -22.16
CA THR A 1210 3.29 -43.44 -20.95
C THR A 1210 4.59 -42.70 -21.24
N LYS A 1211 4.84 -42.31 -22.48
CA LYS A 1211 6.05 -41.57 -22.78
C LYS A 1211 5.83 -40.08 -22.57
N GLN A 1212 6.93 -39.33 -22.56
CA GLN A 1212 6.83 -37.90 -22.31
C GLN A 1212 6.34 -37.11 -23.52
N ALA A 1213 6.34 -37.71 -24.71
CA ALA A 1213 5.96 -36.99 -25.92
C ALA A 1213 4.50 -36.56 -25.88
N PHE A 1214 3.59 -37.54 -25.84
CA PHE A 1214 2.16 -37.26 -25.82
C PHE A 1214 1.79 -36.20 -24.81
N ASP A 1215 2.49 -36.18 -23.67
CA ASP A 1215 2.19 -35.21 -22.62
C ASP A 1215 2.47 -33.79 -23.08
N VAL A 1216 3.68 -33.53 -23.61
CA VAL A 1216 3.99 -32.17 -23.99
C VAL A 1216 3.24 -31.75 -25.25
N THR A 1217 2.90 -32.70 -26.11
CA THR A 1217 2.01 -32.35 -27.23
C THR A 1217 0.66 -31.89 -26.71
N ILE A 1218 0.06 -32.65 -25.79
CA ILE A 1218 -1.19 -32.22 -25.17
C ILE A 1218 -1.02 -30.88 -24.47
N MET A 1219 0.17 -30.64 -23.92
CA MET A 1219 0.42 -29.39 -23.21
C MET A 1219 0.38 -28.20 -24.18
N PHE A 1220 1.04 -28.33 -25.33
CA PHE A 1220 0.95 -27.26 -26.31
C PHE A 1220 -0.47 -27.13 -26.85
N LEU A 1221 -1.20 -28.24 -26.91
CA LEU A 1221 -2.61 -28.17 -27.32
C LEU A 1221 -3.40 -27.34 -26.31
N ILE A 1222 -3.15 -27.54 -25.02
CA ILE A 1222 -3.91 -26.79 -24.01
C ILE A 1222 -3.46 -25.34 -23.99
N CYS A 1223 -2.21 -25.06 -24.31
CA CYS A 1223 -1.78 -23.67 -24.36
C CYS A 1223 -2.40 -22.95 -25.56
N LEU A 1224 -2.54 -23.65 -26.68
CA LEU A 1224 -3.25 -23.05 -27.81
C LEU A 1224 -4.70 -22.84 -27.46
N ASN A 1225 -5.30 -23.78 -26.72
CA ASN A 1225 -6.60 -23.52 -26.12
C ASN A 1225 -6.57 -22.24 -25.32
N MET A 1226 -5.54 -22.07 -24.49
CA MET A 1226 -5.41 -20.88 -23.66
C MET A 1226 -5.49 -19.63 -24.51
N VAL A 1227 -4.67 -19.57 -25.56
CA VAL A 1227 -4.67 -18.39 -26.41
C VAL A 1227 -5.99 -18.23 -27.12
N THR A 1228 -6.67 -19.35 -27.42
CA THR A 1228 -8.04 -19.26 -27.90
C THR A 1228 -8.93 -18.59 -26.89
N MET A 1229 -8.65 -18.78 -25.62
CA MET A 1229 -9.45 -18.22 -24.55
C MET A 1229 -9.05 -16.79 -24.22
N MET A 1230 -7.91 -16.33 -24.72
CA MET A 1230 -7.50 -14.96 -24.43
C MET A 1230 -8.12 -13.97 -25.42
N VAL A 1231 -8.31 -14.38 -26.67
CA VAL A 1231 -8.55 -13.42 -27.73
C VAL A 1231 -9.90 -12.73 -27.61
N GLU A 1232 -10.84 -13.30 -26.88
CA GLU A 1232 -12.20 -12.81 -26.97
C GLU A 1232 -12.37 -11.47 -26.29
N THR A 1233 -13.18 -10.61 -26.90
CA THR A 1233 -13.70 -9.39 -26.33
C THR A 1233 -15.21 -9.42 -26.38
N ASP A 1234 -15.84 -8.35 -25.91
CA ASP A 1234 -17.29 -8.29 -25.97
C ASP A 1234 -17.74 -7.67 -27.29
N ASP A 1235 -18.85 -8.19 -27.81
CA ASP A 1235 -19.46 -7.66 -29.04
C ASP A 1235 -18.45 -7.57 -30.16
N GLN A 1236 -17.61 -8.59 -30.30
CA GLN A 1236 -16.55 -8.58 -31.30
C GLN A 1236 -17.09 -8.57 -32.74
N SER A 1237 -17.71 -9.67 -33.19
CA SER A 1237 -18.48 -9.73 -34.42
C SER A 1237 -19.14 -11.10 -34.51
N PRO A 1238 -20.38 -11.18 -35.00
CA PRO A 1238 -21.07 -12.49 -35.02
C PRO A 1238 -20.27 -13.59 -35.70
N GLU A 1239 -19.58 -13.28 -36.79
CA GLU A 1239 -18.71 -14.28 -37.41
C GLU A 1239 -17.68 -14.77 -36.42
N LYS A 1240 -17.01 -13.85 -35.73
CA LYS A 1240 -16.03 -14.23 -34.72
C LYS A 1240 -16.67 -15.07 -33.63
N VAL A 1241 -17.91 -14.74 -33.26
CA VAL A 1241 -18.62 -15.53 -32.25
C VAL A 1241 -18.73 -16.97 -32.68
N ASN A 1242 -19.28 -17.21 -33.87
CA ASN A 1242 -19.47 -18.58 -34.33
C ASN A 1242 -18.14 -19.29 -34.50
N ILE A 1243 -17.12 -18.58 -35.01
CA ILE A 1243 -15.81 -19.19 -35.18
C ILE A 1243 -15.31 -19.70 -33.83
N LEU A 1244 -15.38 -18.85 -32.81
CA LEU A 1244 -14.84 -19.23 -31.52
C LEU A 1244 -15.65 -20.36 -30.88
N ALA A 1245 -16.96 -20.36 -31.08
CA ALA A 1245 -17.76 -21.48 -30.60
C ALA A 1245 -17.31 -22.78 -31.25
N LYS A 1246 -17.11 -22.76 -32.56
CA LYS A 1246 -16.68 -23.95 -33.27
C LYS A 1246 -15.29 -24.39 -32.81
N ILE A 1247 -14.41 -23.45 -32.50
CA ILE A 1247 -13.08 -23.82 -32.02
C ILE A 1247 -13.17 -24.45 -30.64
N ASN A 1248 -14.09 -23.95 -29.81
CA ASN A 1248 -14.34 -24.61 -28.53
C ASN A 1248 -14.80 -26.04 -28.73
N LEU A 1249 -15.76 -26.25 -29.64
CA LEU A 1249 -16.21 -27.61 -29.92
C LEU A 1249 -15.06 -28.48 -30.40
N LEU A 1250 -14.21 -27.93 -31.24
CA LEU A 1250 -13.04 -28.64 -31.70
C LEU A 1250 -12.19 -29.11 -30.53
N PHE A 1251 -11.87 -28.17 -29.63
CA PHE A 1251 -10.96 -28.52 -28.53
C PHE A 1251 -11.59 -29.53 -27.60
N VAL A 1252 -12.87 -29.36 -27.28
CA VAL A 1252 -13.50 -30.33 -26.38
C VAL A 1252 -13.57 -31.69 -27.04
N ALA A 1253 -13.69 -31.74 -28.38
CA ALA A 1253 -13.58 -33.04 -29.05
C ALA A 1253 -12.21 -33.64 -28.83
N ILE A 1254 -11.17 -32.84 -29.02
CA ILE A 1254 -9.80 -33.31 -28.75
C ILE A 1254 -9.73 -33.92 -27.37
N PHE A 1255 -10.31 -33.26 -26.40
CA PHE A 1255 -10.16 -33.68 -25.03
C PHE A 1255 -11.02 -34.90 -24.70
N THR A 1256 -12.18 -35.05 -25.34
CA THR A 1256 -12.91 -36.30 -25.20
C THR A 1256 -12.10 -37.47 -25.74
N GLY A 1257 -11.45 -37.27 -26.88
CA GLY A 1257 -10.57 -38.32 -27.41
C GLY A 1257 -9.47 -38.70 -26.43
N GLU A 1258 -8.76 -37.68 -25.91
CA GLU A 1258 -7.72 -37.95 -24.94
C GLU A 1258 -8.29 -38.62 -23.70
N CYS A 1259 -9.53 -38.27 -23.34
CA CYS A 1259 -10.12 -38.84 -22.14
C CYS A 1259 -10.45 -40.31 -22.32
N ILE A 1260 -10.94 -40.69 -23.50
CA ILE A 1260 -11.22 -42.10 -23.73
C ILE A 1260 -9.92 -42.89 -23.79
N VAL A 1261 -8.90 -42.34 -24.47
CA VAL A 1261 -7.60 -43.02 -24.51
C VAL A 1261 -7.02 -43.13 -23.10
N LYS A 1262 -7.32 -42.16 -22.25
CA LYS A 1262 -6.81 -42.19 -20.88
C LYS A 1262 -7.54 -43.22 -20.03
N MET A 1263 -8.88 -43.24 -20.10
CA MET A 1263 -9.62 -44.26 -19.39
C MET A 1263 -9.20 -45.65 -19.85
N ALA A 1264 -8.71 -45.77 -21.09
CA ALA A 1264 -8.11 -47.00 -21.56
C ALA A 1264 -6.58 -46.94 -21.62
N ALA A 1265 -5.95 -46.11 -20.77
CA ALA A 1265 -4.50 -45.97 -20.77
C ALA A 1265 -3.83 -47.32 -20.55
N LEU A 1266 -3.99 -47.91 -19.36
CA LEU A 1266 -3.90 -49.36 -19.23
C LEU A 1266 -5.22 -49.92 -18.73
N ARG A 1267 -5.60 -49.65 -17.47
CA ARG A 1267 -6.99 -49.74 -17.03
C ARG A 1267 -7.29 -48.66 -16.00
N HIS A 1268 -6.27 -48.22 -15.27
CA HIS A 1268 -6.48 -47.58 -13.99
C HIS A 1268 -6.18 -46.09 -13.96
N TYR A 1269 -5.98 -45.45 -15.12
CA TYR A 1269 -5.63 -44.03 -15.11
C TYR A 1269 -6.69 -43.19 -14.42
N TYR A 1270 -7.93 -43.68 -14.37
CA TYR A 1270 -8.99 -42.95 -13.69
C TYR A 1270 -8.76 -42.84 -12.20
N PHE A 1271 -7.82 -43.59 -11.63
CA PHE A 1271 -7.53 -43.51 -10.20
C PHE A 1271 -6.05 -43.63 -9.86
N THR A 1272 -5.16 -43.75 -10.84
CA THR A 1272 -3.74 -43.79 -10.53
C THR A 1272 -3.21 -42.43 -10.08
N ASN A 1273 -3.62 -41.36 -10.75
CA ASN A 1273 -3.17 -40.02 -10.40
C ASN A 1273 -4.35 -39.06 -10.33
N SER A 1274 -4.39 -38.27 -9.25
CA SER A 1274 -5.37 -37.21 -9.18
C SER A 1274 -5.24 -36.24 -10.35
N TRP A 1275 -4.03 -36.11 -10.88
CA TRP A 1275 -3.85 -35.31 -12.09
C TRP A 1275 -4.62 -35.87 -13.26
N ASN A 1276 -5.12 -37.09 -13.17
CA ASN A 1276 -5.94 -37.67 -14.20
C ASN A 1276 -7.43 -37.63 -13.89
N ILE A 1277 -7.80 -37.78 -12.61
CA ILE A 1277 -9.19 -37.54 -12.26
C ILE A 1277 -9.56 -36.12 -12.61
N PHE A 1278 -8.61 -35.20 -12.50
CA PHE A 1278 -8.87 -33.84 -12.93
C PHE A 1278 -9.23 -33.79 -14.41
N ASP A 1279 -8.47 -34.46 -15.25
CA ASP A 1279 -8.79 -34.43 -16.67
C ASP A 1279 -10.15 -35.05 -16.92
N PHE A 1280 -10.44 -36.16 -16.23
CA PHE A 1280 -11.74 -36.81 -16.42
C PHE A 1280 -12.88 -35.83 -16.10
N VAL A 1281 -12.82 -35.20 -14.94
CA VAL A 1281 -13.91 -34.34 -14.51
C VAL A 1281 -14.03 -33.14 -15.43
N VAL A 1282 -12.90 -32.63 -15.93
CA VAL A 1282 -13.02 -31.47 -16.80
C VAL A 1282 -13.55 -31.88 -18.17
N VAL A 1283 -13.27 -33.11 -18.62
CA VAL A 1283 -13.88 -33.57 -19.86
C VAL A 1283 -15.39 -33.62 -19.73
N ILE A 1284 -15.87 -34.25 -18.66
CA ILE A 1284 -17.32 -34.37 -18.49
C ILE A 1284 -17.95 -32.99 -18.36
N LEU A 1285 -17.29 -32.10 -17.62
CA LEU A 1285 -17.82 -30.76 -17.44
C LEU A 1285 -17.81 -29.98 -18.75
N SER A 1286 -16.78 -30.16 -19.57
CA SER A 1286 -16.74 -29.50 -20.86
C SER A 1286 -17.86 -29.98 -21.74
N ILE A 1287 -18.12 -31.29 -21.73
CA ILE A 1287 -19.24 -31.82 -22.50
C ILE A 1287 -20.54 -31.23 -22.00
N VAL A 1288 -20.64 -31.05 -20.70
CA VAL A 1288 -21.81 -30.46 -20.09
C VAL A 1288 -22.00 -29.04 -20.61
N GLY A 1289 -20.91 -28.33 -20.85
CA GLY A 1289 -21.02 -26.97 -21.34
C GLY A 1289 -21.65 -26.87 -22.71
N THR A 1290 -21.21 -27.72 -23.63
CA THR A 1290 -21.73 -27.68 -25.00
C THR A 1290 -23.21 -28.02 -25.03
N VAL A 1291 -23.56 -29.06 -24.28
CA VAL A 1291 -24.95 -29.47 -24.20
C VAL A 1291 -25.79 -28.39 -23.55
N LEU A 1292 -25.25 -27.72 -22.53
CA LEU A 1292 -25.97 -26.63 -21.87
C LEU A 1292 -26.22 -25.50 -22.84
N SER A 1293 -25.22 -25.19 -23.67
CA SER A 1293 -25.35 -24.13 -24.66
C SER A 1293 -26.46 -24.49 -25.63
N ASP A 1294 -26.48 -25.76 -26.05
CA ASP A 1294 -27.52 -26.20 -26.98
C ASP A 1294 -28.89 -26.09 -26.33
N ILE A 1295 -28.99 -26.44 -25.06
CA ILE A 1295 -30.26 -26.37 -24.32
C ILE A 1295 -30.73 -24.93 -24.23
N ILE A 1296 -29.80 -24.01 -24.01
CA ILE A 1296 -30.13 -22.59 -23.92
C ILE A 1296 -30.66 -22.11 -25.27
N GLN A 1297 -30.05 -22.61 -26.34
CA GLN A 1297 -30.52 -22.27 -27.67
C GLN A 1297 -31.95 -22.80 -27.79
N LYS A 1298 -32.10 -24.12 -27.72
CA LYS A 1298 -33.43 -24.72 -27.93
C LYS A 1298 -34.61 -24.49 -26.96
N TYR A 1299 -34.39 -24.57 -25.67
CA TYR A 1299 -35.51 -24.40 -24.74
C TYR A 1299 -35.61 -23.06 -24.02
N PHE A 1300 -34.49 -22.57 -23.49
CA PHE A 1300 -34.53 -21.31 -22.78
C PHE A 1300 -33.18 -20.61 -22.77
N PHE A 1301 -33.23 -19.30 -22.54
CA PHE A 1301 -32.04 -18.47 -22.47
C PHE A 1301 -32.03 -17.81 -21.10
N SER A 1302 -30.93 -17.93 -20.38
CA SER A 1302 -30.87 -17.31 -19.08
C SER A 1302 -30.04 -16.06 -19.33
N PRO A 1303 -29.84 -15.26 -18.29
CA PRO A 1303 -29.07 -14.03 -18.40
C PRO A 1303 -27.59 -13.87 -17.98
N THR A 1304 -27.23 -14.33 -16.78
CA THR A 1304 -25.87 -14.28 -16.20
C THR A 1304 -25.43 -15.75 -16.00
N LEU A 1305 -26.38 -16.63 -15.73
CA LEU A 1305 -26.07 -18.04 -15.54
C LEU A 1305 -25.47 -18.48 -16.86
N PHE A 1306 -26.06 -18.02 -17.96
CA PHE A 1306 -25.47 -18.34 -19.25
C PHE A 1306 -23.97 -18.05 -19.20
N ARG A 1307 -23.59 -16.92 -18.61
CA ARG A 1307 -22.18 -16.58 -18.49
C ARG A 1307 -21.44 -17.61 -17.66
N VAL A 1308 -22.01 -18.08 -16.54
CA VAL A 1308 -21.29 -19.10 -15.76
C VAL A 1308 -21.15 -20.39 -16.55
N ILE A 1309 -22.21 -20.75 -17.28
CA ILE A 1309 -22.23 -21.93 -18.12
C ILE A 1309 -21.01 -21.89 -19.03
N ARG A 1310 -20.78 -20.73 -19.65
CA ARG A 1310 -19.61 -20.58 -20.51
C ARG A 1310 -18.31 -20.34 -19.74
N LEU A 1311 -18.30 -20.53 -18.43
CA LEU A 1311 -17.20 -19.98 -17.65
C LEU A 1311 -16.21 -21.03 -17.18
N ALA A 1312 -16.68 -22.20 -16.74
CA ALA A 1312 -15.78 -23.16 -16.10
C ALA A 1312 -14.61 -23.58 -16.97
N ARG A 1313 -14.56 -23.11 -18.22
CA ARG A 1313 -13.53 -23.55 -19.16
C ARG A 1313 -12.13 -23.35 -18.61
N ILE A 1314 -11.93 -22.29 -17.81
CA ILE A 1314 -10.57 -21.99 -17.34
C ILE A 1314 -9.95 -23.19 -16.68
N GLY A 1315 -10.75 -24.01 -15.99
CA GLY A 1315 -10.22 -25.17 -15.32
C GLY A 1315 -9.27 -25.97 -16.17
N ARG A 1316 -9.56 -26.07 -17.47
CA ARG A 1316 -8.70 -26.80 -18.38
C ARG A 1316 -7.25 -26.38 -18.18
N ILE A 1317 -6.97 -25.10 -18.41
CA ILE A 1317 -5.61 -24.60 -18.36
C ILE A 1317 -4.92 -24.98 -17.06
N LEU A 1318 -5.68 -25.15 -15.97
CA LEU A 1318 -5.04 -25.37 -14.68
C LEU A 1318 -4.15 -26.60 -14.69
N ARG A 1319 -4.24 -27.43 -15.70
CA ARG A 1319 -3.40 -28.60 -15.65
C ARG A 1319 -1.94 -28.16 -15.60
N LEU A 1320 -1.64 -26.96 -16.13
CA LEU A 1320 -0.23 -26.58 -16.16
C LEU A 1320 0.42 -26.88 -14.83
N ILE A 1321 -0.34 -26.79 -13.74
CA ILE A 1321 0.23 -27.09 -12.43
C ILE A 1321 0.78 -28.50 -12.42
N ARG A 1322 0.22 -29.38 -13.25
CA ARG A 1322 0.78 -30.71 -13.48
C ARG A 1322 2.13 -30.60 -14.17
N GLY A 1323 2.22 -29.75 -15.20
CA GLY A 1323 3.50 -29.56 -15.85
C GLY A 1323 4.45 -28.73 -15.03
N ALA A 1324 4.03 -27.52 -14.66
CA ALA A 1324 4.87 -26.62 -13.88
C ALA A 1324 5.18 -27.23 -12.52
N LYS A 1325 6.46 -27.33 -12.19
CA LYS A 1325 6.84 -27.79 -10.86
C LYS A 1325 7.00 -26.62 -9.90
N GLY A 1326 7.53 -25.49 -10.38
CA GLY A 1326 7.68 -24.34 -9.51
C GLY A 1326 6.36 -23.83 -9.00
N ILE A 1327 5.40 -23.64 -9.90
CA ILE A 1327 4.07 -23.20 -9.48
C ILE A 1327 3.41 -24.27 -8.62
N ARG A 1328 3.66 -25.54 -8.92
CA ARG A 1328 3.18 -26.65 -8.11
C ARG A 1328 3.77 -26.64 -6.71
N THR A 1329 4.90 -25.95 -6.52
CA THR A 1329 5.41 -25.72 -5.18
C THR A 1329 4.80 -24.48 -4.55
N LEU A 1330 4.62 -23.43 -5.34
CA LEU A 1330 4.21 -22.15 -4.78
C LEU A 1330 2.76 -22.18 -4.32
N LEU A 1331 1.83 -22.54 -5.21
CA LEU A 1331 0.45 -22.58 -4.75
C LEU A 1331 0.24 -23.67 -3.72
N PHE A 1332 1.10 -24.68 -3.73
CA PHE A 1332 1.08 -25.69 -2.66
C PHE A 1332 1.43 -25.05 -1.33
N ALA A 1333 2.46 -24.19 -1.30
CA ALA A 1333 2.81 -23.48 -0.08
C ALA A 1333 1.66 -22.58 0.38
N LEU A 1334 0.98 -21.96 -0.57
CA LEU A 1334 -0.22 -21.20 -0.22
C LEU A 1334 -1.23 -22.08 0.50
N MET A 1335 -1.52 -23.26 -0.05
CA MET A 1335 -2.41 -24.19 0.63
C MET A 1335 -1.90 -24.51 2.02
N MET A 1336 -0.60 -24.79 2.14
CA MET A 1336 -0.01 -25.12 3.44
C MET A 1336 -0.30 -24.04 4.45
N SER A 1337 -0.18 -22.78 4.07
CA SER A 1337 -0.34 -21.70 5.02
C SER A 1337 -1.76 -21.15 5.04
N LEU A 1338 -2.69 -21.79 4.35
CA LEU A 1338 -4.09 -21.39 4.48
C LEU A 1338 -4.71 -21.57 5.87
N PRO A 1339 -4.30 -22.51 6.73
CA PRO A 1339 -4.92 -22.56 8.08
C PRO A 1339 -4.67 -21.34 8.95
N ALA A 1340 -3.39 -21.05 9.19
CA ALA A 1340 -3.06 -19.88 10.01
C ALA A 1340 -3.66 -18.62 9.41
N LEU A 1341 -3.66 -18.53 8.08
CA LEU A 1341 -4.27 -17.38 7.44
C LEU A 1341 -5.76 -17.36 7.68
N PHE A 1342 -6.41 -18.53 7.72
CA PHE A 1342 -7.83 -18.52 8.04
C PHE A 1342 -8.07 -17.96 9.42
N ASN A 1343 -7.25 -18.36 10.39
CA ASN A 1343 -7.42 -17.84 11.74
C ASN A 1343 -7.22 -16.33 11.78
N ILE A 1344 -6.12 -15.85 11.19
CA ILE A 1344 -5.79 -14.44 11.24
C ILE A 1344 -6.86 -13.61 10.55
N GLY A 1345 -7.28 -14.03 9.35
CA GLY A 1345 -8.36 -13.34 8.69
C GLY A 1345 -9.70 -13.53 9.36
N LEU A 1346 -9.84 -14.54 10.21
CA LEU A 1346 -11.05 -14.66 11.01
C LEU A 1346 -11.09 -13.59 12.08
N LEU A 1347 -9.99 -13.43 12.80
CA LEU A 1347 -9.89 -12.31 13.72
C LEU A 1347 -10.10 -11.00 12.98
N LEU A 1348 -9.55 -10.90 11.77
CA LEU A 1348 -9.76 -9.72 10.95
C LEU A 1348 -11.24 -9.50 10.66
N PHE A 1349 -11.95 -10.57 10.34
CA PHE A 1349 -13.38 -10.45 10.09
C PHE A 1349 -14.11 -9.99 11.34
N LEU A 1350 -13.74 -10.53 12.49
CA LEU A 1350 -14.38 -10.10 13.72
C LEU A 1350 -14.11 -8.63 13.98
N VAL A 1351 -12.89 -8.17 13.68
CA VAL A 1351 -12.58 -6.77 13.93
C VAL A 1351 -13.34 -5.88 12.97
N MET A 1352 -13.44 -6.29 11.71
CA MET A 1352 -14.29 -5.58 10.77
C MET A 1352 -15.70 -5.53 11.29
N PHE A 1353 -16.14 -6.61 11.92
CA PHE A 1353 -17.51 -6.65 12.45
C PHE A 1353 -17.69 -5.64 13.56
N ILE A 1354 -16.84 -5.73 14.58
CA ILE A 1354 -16.88 -4.75 15.68
C ILE A 1354 -16.95 -3.36 15.12
N TYR A 1355 -15.97 -3.00 14.29
CA TYR A 1355 -15.87 -1.63 13.80
C TYR A 1355 -17.03 -1.26 12.90
N SER A 1356 -17.56 -2.21 12.15
CA SER A 1356 -18.63 -1.89 11.22
C SER A 1356 -19.91 -1.56 11.95
N ILE A 1357 -20.25 -2.36 12.96
CA ILE A 1357 -21.39 -2.00 13.79
C ILE A 1357 -21.08 -0.74 14.58
N PHE A 1358 -19.83 -0.60 15.01
CA PHE A 1358 -19.37 0.58 15.73
C PHE A 1358 -19.71 1.82 14.95
N GLY A 1359 -19.43 1.79 13.65
CA GLY A 1359 -19.75 2.92 12.81
C GLY A 1359 -21.22 3.01 12.47
N MET A 1360 -21.86 1.87 12.26
CA MET A 1360 -23.28 1.89 11.92
C MET A 1360 -24.07 2.61 13.00
N ALA A 1361 -23.68 2.43 14.25
CA ALA A 1361 -24.28 3.20 15.33
C ALA A 1361 -23.67 4.60 15.39
N ASN A 1362 -22.42 4.73 15.00
CA ASN A 1362 -21.67 5.98 15.17
C ASN A 1362 -21.57 6.79 13.89
N PHE A 1363 -21.21 6.15 12.78
CA PHE A 1363 -20.88 6.83 11.53
C PHE A 1363 -22.07 7.01 10.62
N ALA A 1364 -23.28 6.89 11.12
CA ALA A 1364 -24.43 6.98 10.24
C ALA A 1364 -24.68 8.42 9.81
N TYR A 1365 -25.37 8.57 8.69
CA TYR A 1365 -25.91 9.84 8.21
C TYR A 1365 -24.85 10.84 7.77
N VAL A 1366 -23.60 10.40 7.64
CA VAL A 1366 -22.54 11.30 7.18
C VAL A 1366 -22.83 11.78 5.76
N LYS A 1367 -22.36 12.98 5.44
CA LYS A 1367 -22.51 13.54 4.11
C LYS A 1367 -21.67 12.77 3.10
N TRP A 1368 -22.13 12.71 1.86
CA TRP A 1368 -21.33 12.11 0.80
C TRP A 1368 -20.13 13.00 0.48
N GLU A 1369 -18.93 12.43 0.53
CA GLU A 1369 -17.73 13.07 0.04
C GLU A 1369 -17.01 12.09 -0.88
N ALA A 1370 -15.85 12.52 -1.40
CA ALA A 1370 -15.23 11.80 -2.51
C ALA A 1370 -15.00 10.34 -2.18
N GLY A 1371 -14.59 10.03 -0.95
CA GLY A 1371 -14.34 8.65 -0.60
C GLY A 1371 -15.58 7.88 -0.23
N ILE A 1372 -16.63 8.56 0.21
CA ILE A 1372 -17.83 7.92 0.74
C ILE A 1372 -18.97 8.25 -0.22
N ASP A 1373 -19.29 7.30 -1.08
CA ASP A 1373 -20.27 7.49 -2.14
C ASP A 1373 -21.65 7.10 -1.65
N ASP A 1374 -22.59 6.91 -2.57
CA ASP A 1374 -23.92 6.44 -2.20
C ASP A 1374 -23.90 4.98 -1.79
N MET A 1375 -23.02 4.19 -2.38
CA MET A 1375 -23.07 2.75 -2.21
C MET A 1375 -22.08 2.25 -1.18
N PHE A 1376 -20.90 2.84 -1.12
CA PHE A 1376 -19.92 2.46 -0.11
C PHE A 1376 -20.04 3.46 1.03
N ASN A 1377 -20.68 3.02 2.10
CA ASN A 1377 -21.16 3.89 3.16
C ASN A 1377 -21.14 3.11 4.46
N PHE A 1378 -21.81 3.65 5.47
CA PHE A 1378 -22.00 2.97 6.73
C PHE A 1378 -23.47 2.82 7.08
N GLN A 1379 -24.37 3.15 6.16
CA GLN A 1379 -25.79 3.17 6.49
C GLN A 1379 -26.28 1.79 6.93
N THR A 1380 -25.96 0.76 6.17
CA THR A 1380 -26.29 -0.60 6.55
C THR A 1380 -25.03 -1.30 7.02
N PHE A 1381 -25.15 -2.60 7.26
CA PHE A 1381 -23.96 -3.34 7.64
C PHE A 1381 -23.20 -3.82 6.42
N ALA A 1382 -23.89 -4.10 5.32
CA ALA A 1382 -23.19 -4.54 4.12
C ALA A 1382 -22.22 -3.47 3.63
N ASN A 1383 -22.73 -2.25 3.43
CA ASN A 1383 -21.88 -1.18 2.94
C ASN A 1383 -20.74 -0.91 3.92
N SER A 1384 -21.04 -0.94 5.22
CA SER A 1384 -19.98 -0.75 6.21
C SER A 1384 -18.92 -1.82 6.03
N MET A 1385 -19.32 -3.05 5.76
CA MET A 1385 -18.35 -4.11 5.63
C MET A 1385 -17.53 -3.92 4.38
N LEU A 1386 -18.12 -3.38 3.31
CA LEU A 1386 -17.38 -3.14 2.08
C LEU A 1386 -16.35 -2.02 2.24
N CYS A 1387 -16.78 -0.88 2.77
CA CYS A 1387 -15.85 0.20 3.10
C CYS A 1387 -14.71 -0.32 3.95
N LEU A 1388 -15.02 -0.77 5.17
CA LEU A 1388 -13.97 -1.27 6.03
C LEU A 1388 -13.18 -2.40 5.39
N PHE A 1389 -13.71 -3.05 4.36
CA PHE A 1389 -12.88 -3.97 3.63
C PHE A 1389 -11.81 -3.24 2.87
N GLN A 1390 -12.18 -2.23 2.09
CA GLN A 1390 -11.13 -1.56 1.31
C GLN A 1390 -10.10 -0.97 2.26
N ILE A 1391 -10.56 -0.38 3.37
CA ILE A 1391 -9.66 0.15 4.37
C ILE A 1391 -8.87 -0.94 5.08
N THR A 1392 -9.29 -2.20 4.94
CA THR A 1392 -8.43 -3.28 5.40
C THR A 1392 -7.14 -3.31 4.60
N THR A 1393 -7.18 -2.83 3.36
CA THR A 1393 -5.99 -2.69 2.54
C THR A 1393 -5.35 -1.32 2.67
N SER A 1394 -5.60 -0.62 3.77
CA SER A 1394 -5.03 0.68 4.07
C SER A 1394 -5.28 1.68 2.95
N ALA A 1395 -6.21 1.38 2.07
CA ALA A 1395 -6.46 2.22 0.91
C ALA A 1395 -7.65 3.12 1.19
N GLY A 1396 -7.74 4.21 0.45
CA GLY A 1396 -8.89 5.06 0.49
C GLY A 1396 -9.15 5.75 1.81
N TRP A 1397 -8.44 5.40 2.89
CA TRP A 1397 -8.85 5.90 4.18
C TRP A 1397 -8.76 7.40 4.26
N ASP A 1398 -7.94 8.03 3.43
CA ASP A 1398 -8.00 9.48 3.33
C ASP A 1398 -9.38 9.92 2.86
N GLY A 1399 -9.89 9.28 1.82
CA GLY A 1399 -11.14 9.70 1.22
C GLY A 1399 -12.35 9.42 2.06
N LEU A 1400 -12.26 8.43 2.94
CA LEU A 1400 -13.32 8.19 3.91
C LEU A 1400 -13.14 9.01 5.17
N LEU A 1401 -11.93 9.45 5.47
CA LEU A 1401 -11.75 10.29 6.63
C LEU A 1401 -12.25 11.69 6.36
N SER A 1402 -11.87 12.25 5.22
CA SER A 1402 -12.22 13.63 4.90
C SER A 1402 -13.70 13.97 5.07
N PRO A 1403 -14.66 13.08 4.84
CA PRO A 1403 -16.04 13.43 5.17
C PRO A 1403 -16.34 13.34 6.65
N ILE A 1404 -15.50 12.66 7.41
CA ILE A 1404 -15.71 12.58 8.84
C ILE A 1404 -15.16 13.81 9.54
N LEU A 1405 -13.86 14.07 9.34
CA LEU A 1405 -13.18 15.11 10.10
C LEU A 1405 -13.87 16.45 9.99
N ASN A 1406 -14.57 16.71 8.89
CA ASN A 1406 -15.09 18.04 8.62
C ASN A 1406 -15.97 18.52 9.77
N THR A 1407 -15.94 19.84 9.99
CA THR A 1407 -16.71 20.49 11.04
C THR A 1407 -17.19 21.84 10.56
N GLY A 1408 -18.45 22.16 10.89
CA GLY A 1408 -18.98 23.48 10.62
C GLY A 1408 -19.28 23.73 9.17
N PRO A 1409 -19.94 24.85 8.89
CA PRO A 1409 -20.20 25.27 7.50
C PRO A 1409 -18.94 25.28 6.68
N PRO A 1410 -19.06 25.29 5.35
CA PRO A 1410 -20.33 25.23 4.63
C PRO A 1410 -20.88 23.82 4.51
N TYR A 1411 -19.99 22.87 4.27
CA TYR A 1411 -20.38 21.48 4.01
C TYR A 1411 -21.24 20.93 5.14
N CYS A 1412 -20.82 21.13 6.38
CA CYS A 1412 -21.55 20.70 7.56
C CYS A 1412 -22.39 21.85 8.09
N ASP A 1413 -23.68 21.61 8.28
CA ASP A 1413 -24.60 22.69 8.64
C ASP A 1413 -25.46 22.21 9.80
N PRO A 1414 -26.43 23.03 10.33
CA PRO A 1414 -27.27 22.57 11.45
C PRO A 1414 -27.61 21.10 11.39
N ASN A 1415 -27.35 20.42 12.50
CA ASN A 1415 -26.82 19.06 12.51
C ASN A 1415 -27.50 18.13 11.51
N LEU A 1416 -28.76 17.78 11.75
CA LEU A 1416 -29.57 17.06 10.77
C LEU A 1416 -30.96 16.75 11.31
N PRO A 1417 -31.96 16.62 10.45
CA PRO A 1417 -33.13 15.81 10.80
C PRO A 1417 -32.78 14.33 10.63
N ASN A 1418 -32.65 13.63 11.75
CA ASN A 1418 -32.33 12.21 11.75
C ASN A 1418 -33.52 11.43 12.26
N SER A 1419 -33.89 10.37 11.54
CA SER A 1419 -34.87 9.43 12.05
C SER A 1419 -34.43 8.88 13.40
N ASN A 1420 -33.16 8.52 13.51
CA ASN A 1420 -32.57 8.23 14.80
C ASN A 1420 -32.53 9.49 15.66
N GLY A 1421 -32.48 9.29 16.98
CA GLY A 1421 -32.39 10.45 17.86
C GLY A 1421 -31.11 11.24 17.72
N SER A 1422 -30.01 10.61 17.32
CA SER A 1422 -28.74 11.30 17.18
C SER A 1422 -28.79 12.19 15.93
N ARG A 1423 -28.72 13.50 16.13
CA ARG A 1423 -28.77 14.43 15.03
C ARG A 1423 -27.37 14.66 14.46
N GLY A 1424 -27.33 14.99 13.19
CA GLY A 1424 -26.07 15.38 12.57
C GLY A 1424 -25.76 14.59 11.31
N ASN A 1425 -25.60 15.32 10.21
CA ASN A 1425 -25.06 14.75 8.98
C ASN A 1425 -23.55 14.73 9.00
N CYS A 1426 -22.96 14.96 10.16
CA CYS A 1426 -21.59 15.40 10.28
C CYS A 1426 -20.82 14.33 11.05
N GLY A 1427 -19.50 14.45 11.05
CA GLY A 1427 -18.69 13.47 11.74
C GLY A 1427 -18.17 14.02 13.04
N SER A 1428 -17.60 13.15 13.88
CA SER A 1428 -16.96 13.62 15.09
C SER A 1428 -15.45 13.55 14.92
N PRO A 1429 -14.76 14.68 14.75
CA PRO A 1429 -13.33 14.63 14.46
C PRO A 1429 -12.54 13.84 15.48
N ALA A 1430 -12.85 14.03 16.76
CA ALA A 1430 -12.16 13.27 17.79
C ALA A 1430 -12.31 11.79 17.54
N VAL A 1431 -13.54 11.29 17.57
CA VAL A 1431 -13.73 9.85 17.43
C VAL A 1431 -13.57 9.43 15.99
N GLY A 1432 -13.69 10.33 15.02
CA GLY A 1432 -13.37 9.95 13.65
C GLY A 1432 -11.92 9.57 13.49
N ILE A 1433 -11.02 10.45 13.91
CA ILE A 1433 -9.59 10.13 13.87
C ILE A 1433 -9.32 8.90 14.73
N LEU A 1434 -9.95 8.83 15.90
CA LEU A 1434 -9.74 7.68 16.77
C LEU A 1434 -10.09 6.38 16.04
N PHE A 1435 -11.30 6.29 15.52
CA PHE A 1435 -11.76 5.12 14.80
C PHE A 1435 -10.80 4.75 13.67
N PHE A 1436 -10.56 5.68 12.75
CA PHE A 1436 -9.84 5.31 11.52
C PHE A 1436 -8.36 5.04 11.80
N THR A 1437 -7.70 5.91 12.56
CA THR A 1437 -6.32 5.67 12.93
C THR A 1437 -6.16 4.34 13.63
N THR A 1438 -7.04 4.04 14.58
CA THR A 1438 -6.95 2.79 15.31
C THR A 1438 -7.22 1.60 14.41
N TYR A 1439 -8.21 1.70 13.52
CA TYR A 1439 -8.40 0.60 12.58
C TYR A 1439 -7.17 0.39 11.75
N ILE A 1440 -6.54 1.49 11.31
CA ILE A 1440 -5.36 1.36 10.48
C ILE A 1440 -4.26 0.66 11.24
N ILE A 1441 -3.99 1.08 12.47
CA ILE A 1441 -2.89 0.47 13.22
C ILE A 1441 -3.20 -0.98 13.55
N ILE A 1442 -4.41 -1.26 14.03
CA ILE A 1442 -4.77 -2.64 14.37
C ILE A 1442 -4.72 -3.51 13.13
N SER A 1443 -5.56 -3.19 12.14
CA SER A 1443 -5.59 -3.96 10.90
C SER A 1443 -4.20 -4.13 10.32
N PHE A 1444 -3.35 -3.12 10.47
CA PHE A 1444 -2.01 -3.21 9.93
C PHE A 1444 -1.18 -4.21 10.73
N LEU A 1445 -1.41 -4.31 12.03
CA LEU A 1445 -0.73 -5.33 12.82
C LEU A 1445 -1.18 -6.72 12.41
N ILE A 1446 -2.50 -6.92 12.29
CA ILE A 1446 -3.01 -8.20 11.81
C ILE A 1446 -2.43 -8.53 10.44
N VAL A 1447 -2.34 -7.54 9.57
CA VAL A 1447 -1.86 -7.77 8.22
C VAL A 1447 -0.38 -8.14 8.23
N VAL A 1448 0.42 -7.48 9.07
CA VAL A 1448 1.83 -7.87 9.18
C VAL A 1448 1.93 -9.30 9.69
N ASN A 1449 1.05 -9.68 10.60
CA ASN A 1449 1.06 -11.06 11.08
C ASN A 1449 0.76 -12.02 9.93
N MET A 1450 -0.19 -11.65 9.08
CA MET A 1450 -0.50 -12.44 7.91
C MET A 1450 0.73 -12.61 7.02
N TYR A 1451 1.43 -11.51 6.78
CA TYR A 1451 2.62 -11.55 5.94
C TYR A 1451 3.67 -12.47 6.54
N ILE A 1452 3.86 -12.39 7.85
CA ILE A 1452 4.91 -13.19 8.47
C ILE A 1452 4.53 -14.66 8.50
N ALA A 1453 3.24 -14.98 8.65
CA ALA A 1453 2.84 -16.37 8.52
C ALA A 1453 3.17 -16.90 7.14
N ILE A 1454 2.82 -16.12 6.10
CA ILE A 1454 3.15 -16.51 4.73
C ILE A 1454 4.64 -16.79 4.61
N ILE A 1455 5.47 -15.86 5.09
CA ILE A 1455 6.90 -15.99 4.86
C ILE A 1455 7.49 -17.15 5.67
N LEU A 1456 6.98 -17.38 6.87
CA LEU A 1456 7.53 -18.47 7.67
C LEU A 1456 7.17 -19.83 7.08
N GLU A 1457 5.95 -19.97 6.55
CA GLU A 1457 5.64 -21.19 5.83
C GLU A 1457 6.49 -21.30 4.56
N ASN A 1458 6.73 -20.19 3.88
CA ASN A 1458 7.57 -20.19 2.70
C ASN A 1458 8.95 -20.74 3.00
N PHE A 1459 9.57 -20.26 4.07
CA PHE A 1459 10.88 -20.79 4.44
C PHE A 1459 10.78 -22.23 4.93
N SER A 1460 9.69 -22.60 5.58
CA SER A 1460 9.57 -23.98 6.06
C SER A 1460 9.36 -24.95 4.90
N VAL A 1461 8.97 -24.45 3.73
CA VAL A 1461 8.91 -25.32 2.56
C VAL A 1461 10.32 -25.70 2.11
N ALA A 1462 11.20 -24.72 1.98
CA ALA A 1462 12.56 -24.96 1.51
C ALA A 1462 13.41 -25.67 2.55
#